data_6DAT
#
_entry.id   6DAT
#
_cell.length_a   89.111
_cell.length_b   89.111
_cell.length_c   215.700
_cell.angle_alpha   90.000
_cell.angle_beta   90.000
_cell.angle_gamma   90.000
#
_symmetry.space_group_name_H-M   'P 43 21 2'
#
loop_
_entity.id
_entity.type
_entity.pdbx_description
1 polymer 'Protein C-ets-1'
2 polymer 'serine-rich region (SRR) peptide'
3 non-polymer 'SULFATE ION'
4 water water
#
loop_
_entity_poly.entity_id
_entity_poly.type
_entity_poly.pdbx_seq_one_letter_code
_entity_poly.pdbx_strand_id
1 'polypeptide(L)'
;KGTFKDYVRDRADLNKDKPVIPAAALAGYTGSGPIQLWQFLLELLTDKSCQSFISWTGDGWEFKLSDPDEVARRWGKRKN
KPKMNYEKLSRGLRYYYDKNIIHKTAGKRYVYRFVCDLQSLLGYTPEELHAMLDVKPDAD
;
A,B,C,D
2 'polypeptide(L)' P(SEP)(PF5)D(SEP)(PF5)D(PF5)ED(PF5)PAALW(NH2) E,F
#
loop_
_chem_comp.id
_chem_comp.type
_chem_comp.name
_chem_comp.formula
NH2 non-polymer 'AMINO GROUP' 'H2 N'
SO4 non-polymer 'SULFATE ION' 'O4 S -2'
#
# COMPACT_ATOMS: atom_id res chain seq x y z
N GLY A 2 -13.29 29.13 3.47
CA GLY A 2 -12.46 30.00 2.65
C GLY A 2 -11.03 29.52 2.54
N THR A 3 -10.09 30.42 2.83
CA THR A 3 -8.67 30.10 2.74
C THR A 3 -8.24 29.22 3.91
N PHE A 4 -7.01 28.71 3.81
CA PHE A 4 -6.46 27.89 4.88
C PHE A 4 -6.25 28.71 6.15
N LYS A 5 -5.85 29.97 6.00
CA LYS A 5 -5.69 30.85 7.17
C LYS A 5 -6.97 30.91 7.98
N ASP A 6 -8.12 31.01 7.29
CA ASP A 6 -9.40 31.03 7.99
C ASP A 6 -9.73 29.66 8.58
N TYR A 7 -9.53 28.60 7.80
CA TYR A 7 -9.77 27.24 8.28
C TYR A 7 -9.10 27.01 9.64
N VAL A 8 -7.86 27.44 9.78
CA VAL A 8 -7.17 27.31 11.07
C VAL A 8 -7.81 28.22 12.10
N ARG A 9 -8.04 29.49 11.74
CA ARG A 9 -8.61 30.44 12.69
C ARG A 9 -10.00 30.00 13.14
N ASP A 10 -10.86 29.65 12.18
CA ASP A 10 -12.22 29.26 12.53
C ASP A 10 -12.22 28.03 13.44
N ARG A 11 -11.38 27.04 13.14
CA ARG A 11 -11.32 25.85 13.97
C ARG A 11 -10.67 26.13 15.32
N ALA A 12 -9.72 27.06 15.38
CA ALA A 12 -9.12 27.44 16.65
C ALA A 12 -10.14 28.08 17.57
N ASP A 13 -11.10 28.82 17.02
CA ASP A 13 -12.15 29.41 17.84
C ASP A 13 -13.01 28.33 18.48
N LEU A 14 -13.27 27.25 17.76
CA LEU A 14 -14.07 26.14 18.28
C LEU A 14 -13.27 25.19 19.17
N ASN A 15 -12.06 25.57 19.56
CA ASN A 15 -11.22 24.76 20.44
C ASN A 15 -10.86 23.41 19.81
N LYS A 16 -10.82 23.36 18.48
CA LYS A 16 -10.35 22.18 17.77
C LYS A 16 -8.83 22.23 17.62
N ASP A 17 -8.26 21.10 17.19
CA ASP A 17 -6.83 21.02 16.87
C ASP A 17 -5.95 21.30 18.09
N LYS A 18 -6.40 20.86 19.26
CA LYS A 18 -5.60 21.00 20.47
C LYS A 18 -5.63 19.71 21.29
N PRO A 19 -5.37 18.55 20.68
CA PRO A 19 -5.34 17.31 21.44
C PRO A 19 -4.05 17.20 22.25
N VAL A 20 -4.15 16.51 23.39
CA VAL A 20 -2.96 16.30 24.20
C VAL A 20 -2.00 15.36 23.49
N ILE A 21 -2.51 14.39 22.74
CA ILE A 21 -1.68 13.41 22.05
C ILE A 21 -1.98 13.47 20.56
N PRO A 22 -1.37 14.38 19.82
CA PRO A 22 -1.62 14.45 18.37
C PRO A 22 -1.19 13.16 17.70
N ALA A 23 -2.07 12.62 16.85
CA ALA A 23 -1.74 11.39 16.13
C ALA A 23 -0.45 11.54 15.34
N ALA A 24 -0.26 12.69 14.68
CA ALA A 24 0.94 12.88 13.87
C ALA A 24 2.20 12.92 14.74
N ALA A 25 2.14 13.63 15.87
CA ALA A 25 3.29 13.69 16.77
C ALA A 25 3.62 12.30 17.31
N LEU A 26 2.62 11.54 17.73
CA LEU A 26 2.85 10.20 18.27
C LEU A 26 3.46 9.28 17.22
N ALA A 27 3.07 9.45 15.96
CA ALA A 27 3.65 8.65 14.88
C ALA A 27 5.14 8.96 14.71
N GLY A 28 5.50 10.24 14.81
CA GLY A 28 6.91 10.59 14.77
C GLY A 28 7.67 10.02 15.94
N TYR A 29 7.05 9.99 17.12
CA TYR A 29 7.67 9.38 18.29
C TYR A 29 7.92 7.89 18.07
N THR A 30 6.90 7.16 17.61
CA THR A 30 7.04 5.72 17.41
C THR A 30 7.72 5.37 16.09
N GLY A 31 7.80 6.32 15.16
CA GLY A 31 8.45 6.05 13.89
C GLY A 31 7.62 5.25 12.92
N SER A 32 6.30 5.38 12.97
CA SER A 32 5.42 4.60 12.09
C SER A 32 5.16 5.30 10.76
N GLY A 33 5.57 6.56 10.60
CA GLY A 33 5.29 7.29 9.40
C GLY A 33 3.85 7.80 9.39
N PRO A 34 2.99 7.19 8.57
CA PRO A 34 1.56 7.54 8.65
C PRO A 34 1.01 7.19 10.01
N ILE A 35 -0.06 7.88 10.40
CA ILE A 35 -0.70 7.59 11.68
C ILE A 35 -1.46 6.28 11.58
N GLN A 36 -1.41 5.51 12.65
CA GLN A 36 -2.14 4.25 12.76
C GLN A 36 -3.43 4.46 13.53
N LEU A 37 -4.34 3.50 13.41
CA LEU A 37 -5.67 3.65 14.00
C LEU A 37 -5.57 3.95 15.50
N TRP A 38 -4.75 3.19 16.23
CA TRP A 38 -4.69 3.36 17.68
C TRP A 38 -4.21 4.75 18.06
N GLN A 39 -3.31 5.33 17.26
CA GLN A 39 -2.89 6.70 17.50
C GLN A 39 -4.03 7.67 17.21
N PHE A 40 -4.79 7.41 16.15
CA PHE A 40 -5.93 8.26 15.83
C PHE A 40 -6.94 8.27 16.96
N LEU A 41 -7.19 7.12 17.58
CA LEU A 41 -8.14 7.05 18.68
C LEU A 41 -7.64 7.86 19.88
N LEU A 42 -6.35 7.71 20.22
CA LEU A 42 -5.79 8.48 21.32
C LEU A 42 -5.91 9.99 21.08
N GLU A 43 -5.80 10.43 19.83
CA GLU A 43 -5.96 11.84 19.53
C GLU A 43 -7.37 12.32 19.85
N LEU A 44 -8.39 11.59 19.40
CA LEU A 44 -9.76 11.96 19.71
C LEU A 44 -10.02 11.87 21.20
N LEU A 45 -9.53 10.82 21.84
CA LEU A 45 -9.74 10.64 23.28
C LEU A 45 -9.11 11.76 24.09
N THR A 46 -8.14 12.49 23.53
CA THR A 46 -7.50 13.60 24.22
C THR A 46 -7.82 14.95 23.57
N ASP A 47 -8.93 15.03 22.85
CA ASP A 47 -9.37 16.25 22.20
C ASP A 47 -10.76 16.58 22.74
N LYS A 48 -10.85 17.63 23.57
CA LYS A 48 -12.11 17.96 24.22
C LYS A 48 -13.24 18.13 23.20
N SER A 49 -12.92 18.61 22.00
CA SER A 49 -13.94 18.83 20.97
C SER A 49 -14.47 17.53 20.39
N CYS A 50 -14.04 16.37 20.89
CA CYS A 50 -14.52 15.07 20.41
C CYS A 50 -15.22 14.26 21.48
N GLN A 51 -15.47 14.83 22.66
CA GLN A 51 -16.03 14.06 23.77
C GLN A 51 -17.49 13.67 23.57
N SER A 52 -18.14 14.17 22.52
CA SER A 52 -19.54 13.83 22.30
C SER A 52 -19.71 12.49 21.61
N PHE A 53 -18.76 12.07 20.76
CA PHE A 53 -18.84 10.79 20.09
C PHE A 53 -17.81 9.77 20.56
N ILE A 54 -16.76 10.19 21.25
CA ILE A 54 -15.78 9.27 21.82
C ILE A 54 -15.22 9.89 23.08
N SER A 55 -15.09 9.08 24.13
CA SER A 55 -14.69 9.63 25.41
C SER A 55 -14.14 8.52 26.30
N TRP A 56 -13.39 8.93 27.31
CA TRP A 56 -12.99 8.02 28.37
C TRP A 56 -14.16 7.75 29.29
N THR A 57 -14.18 6.56 29.89
CA THR A 57 -15.23 6.19 30.82
C THR A 57 -14.90 6.56 32.26
N GLY A 58 -13.61 6.70 32.58
CA GLY A 58 -13.17 6.96 33.94
C GLY A 58 -12.44 5.80 34.58
N ASP A 59 -12.38 4.65 33.93
CA ASP A 59 -11.75 3.45 34.47
C ASP A 59 -10.49 3.16 33.62
N GLY A 60 -9.37 3.75 34.02
CA GLY A 60 -8.11 3.49 33.35
C GLY A 60 -8.15 3.89 31.89
N TRP A 61 -7.55 3.06 31.04
CA TRP A 61 -7.49 3.31 29.61
C TRP A 61 -8.73 2.83 28.87
N GLU A 62 -9.88 2.82 29.54
CA GLU A 62 -11.12 2.37 28.93
C GLU A 62 -11.86 3.56 28.32
N PHE A 63 -12.48 3.32 27.15
CA PHE A 63 -13.17 4.37 26.43
C PHE A 63 -14.34 3.77 25.68
N LYS A 64 -15.28 4.63 25.27
CA LYS A 64 -16.46 4.19 24.54
C LYS A 64 -16.70 5.08 23.33
N LEU A 65 -17.30 4.49 22.30
CA LEU A 65 -17.64 5.21 21.07
C LEU A 65 -19.14 5.47 21.12
N SER A 66 -19.50 6.66 21.62
CA SER A 66 -20.91 7.02 21.72
C SER A 66 -21.56 7.07 20.33
N ASP A 67 -20.83 7.58 19.33
CA ASP A 67 -21.28 7.62 17.94
C ASP A 67 -20.26 6.85 17.10
N PRO A 68 -20.39 5.54 17.01
CA PRO A 68 -19.38 4.76 16.26
C PRO A 68 -19.26 5.18 14.81
N ASP A 69 -20.37 5.55 14.18
CA ASP A 69 -20.32 5.93 12.77
C ASP A 69 -19.50 7.19 12.57
N GLU A 70 -19.61 8.17 13.48
CA GLU A 70 -18.85 9.41 13.34
C GLU A 70 -17.36 9.14 13.44
N VAL A 71 -16.95 8.19 14.28
CA VAL A 71 -15.54 7.85 14.39
C VAL A 71 -15.05 7.21 13.11
N ALA A 72 -15.87 6.34 12.49
CA ALA A 72 -15.50 5.77 11.21
C ALA A 72 -15.49 6.83 10.12
N ARG A 73 -16.38 7.82 10.22
CA ARG A 73 -16.43 8.88 9.21
C ARG A 73 -15.16 9.72 9.25
N ARG A 74 -14.70 10.09 10.44
CA ARG A 74 -13.49 10.90 10.55
C ARG A 74 -12.26 10.10 10.14
N TRP A 75 -12.19 8.83 10.54
CA TRP A 75 -11.11 7.96 10.10
C TRP A 75 -11.04 7.88 8.59
N GLY A 76 -12.22 7.82 7.94
CA GLY A 76 -12.24 7.85 6.48
C GLY A 76 -11.76 9.16 5.91
N LYS A 77 -12.16 10.27 6.53
CA LYS A 77 -11.68 11.57 6.07
C LYS A 77 -10.18 11.69 6.21
N ARG A 78 -9.60 11.08 7.25
CA ARG A 78 -8.18 11.24 7.52
C ARG A 78 -7.31 10.36 6.62
N LYS A 79 -7.82 9.19 6.22
CA LYS A 79 -7.07 8.26 5.39
C LYS A 79 -7.55 8.23 3.94
N ASN A 80 -8.41 9.16 3.54
CA ASN A 80 -8.92 9.23 2.18
C ASN A 80 -9.62 7.92 1.79
N LYS A 81 -10.43 7.40 2.71
CA LYS A 81 -11.24 6.20 2.50
C LYS A 81 -12.70 6.61 2.62
N PRO A 82 -13.29 7.17 1.56
CA PRO A 82 -14.69 7.61 1.66
C PRO A 82 -15.66 6.47 1.93
N LYS A 83 -15.32 5.24 1.54
CA LYS A 83 -16.16 4.09 1.82
C LYS A 83 -15.91 3.51 3.21
N MET A 84 -15.29 4.27 4.11
CA MET A 84 -15.04 3.79 5.46
C MET A 84 -16.35 3.80 6.25
N ASN A 85 -16.59 2.72 6.98
CA ASN A 85 -17.77 2.62 7.84
C ASN A 85 -17.37 1.85 9.10
N TYR A 86 -18.33 1.72 10.02
CA TYR A 86 -18.01 1.09 11.29
C TYR A 86 -17.76 -0.40 11.13
N GLU A 87 -18.37 -1.04 10.13
CA GLU A 87 -18.07 -2.46 9.87
C GLU A 87 -16.58 -2.65 9.60
N LYS A 88 -16.01 -1.82 8.73
CA LYS A 88 -14.60 -1.95 8.39
C LYS A 88 -13.71 -1.55 9.56
N LEU A 89 -14.07 -0.48 10.26
CA LEU A 89 -13.30 -0.07 11.43
C LEU A 89 -13.29 -1.17 12.50
N SER A 90 -14.46 -1.76 12.77
CA SER A 90 -14.52 -2.88 13.71
C SER A 90 -13.65 -4.04 13.24
N ARG A 91 -13.71 -4.37 11.95
CA ARG A 91 -12.86 -5.42 11.41
C ARG A 91 -11.40 -5.15 11.73
N GLY A 92 -10.99 -3.88 11.66
CA GLY A 92 -9.61 -3.54 11.99
C GLY A 92 -9.31 -3.69 13.47
N LEU A 93 -10.23 -3.24 14.33
CA LEU A 93 -10.05 -3.41 15.77
C LEU A 93 -9.86 -4.88 16.13
N ARG A 94 -10.43 -5.80 15.35
CA ARG A 94 -10.24 -7.22 15.64
C ARG A 94 -8.78 -7.62 15.54
N TYR A 95 -8.04 -7.05 14.60
CA TYR A 95 -6.61 -7.30 14.51
C TYR A 95 -5.89 -6.73 15.72
N TYR A 96 -6.36 -5.60 16.26
CA TYR A 96 -5.76 -5.07 17.47
C TYR A 96 -6.03 -5.97 18.68
N TYR A 97 -7.15 -6.71 18.67
CA TYR A 97 -7.40 -7.68 19.72
C TYR A 97 -6.33 -8.77 19.71
N ASP A 98 -6.17 -9.43 18.56
CA ASP A 98 -5.20 -10.50 18.45
C ASP A 98 -3.82 -10.06 18.94
N LYS A 99 -3.45 -8.81 18.71
CA LYS A 99 -2.15 -8.30 19.11
C LYS A 99 -2.11 -7.84 20.56
N ASN A 100 -3.23 -7.92 21.28
CA ASN A 100 -3.29 -7.48 22.67
C ASN A 100 -2.93 -6.00 22.80
N ILE A 101 -3.37 -5.21 21.82
CA ILE A 101 -3.24 -3.76 21.87
C ILE A 101 -4.50 -3.11 22.43
N ILE A 102 -5.67 -3.53 21.94
CA ILE A 102 -6.95 -3.07 22.44
C ILE A 102 -7.84 -4.27 22.70
N HIS A 103 -8.61 -4.21 23.78
CA HIS A 103 -9.52 -5.28 24.14
C HIS A 103 -10.95 -4.76 24.18
N LYS A 104 -11.89 -5.63 23.83
CA LYS A 104 -13.30 -5.33 23.98
C LYS A 104 -13.69 -5.50 25.44
N THR A 105 -14.42 -4.53 25.99
CA THR A 105 -15.03 -4.67 27.30
C THR A 105 -16.31 -5.48 27.12
N ALA A 106 -16.25 -6.77 27.47
CA ALA A 106 -17.44 -7.60 27.39
C ALA A 106 -18.48 -7.12 28.40
N GLY A 107 -19.72 -7.00 27.95
CA GLY A 107 -20.81 -6.55 28.77
C GLY A 107 -21.29 -5.15 28.45
N LYS A 108 -20.49 -4.39 27.71
CA LYS A 108 -20.87 -3.07 27.23
C LYS A 108 -20.78 -3.05 25.71
N ARG A 109 -21.55 -2.17 25.08
CA ARG A 109 -21.55 -2.04 23.64
C ARG A 109 -20.72 -0.82 23.23
N TYR A 110 -19.73 -1.04 22.37
CA TYR A 110 -18.84 -0.01 21.86
C TYR A 110 -17.81 0.46 22.87
N VAL A 111 -17.48 -0.38 23.86
CA VAL A 111 -16.54 -0.03 24.91
C VAL A 111 -15.31 -0.91 24.76
N TYR A 112 -14.12 -0.30 24.79
CA TYR A 112 -12.86 -1.00 24.64
C TYR A 112 -11.89 -0.47 25.68
N ARG A 113 -10.69 -1.05 25.69
CA ARG A 113 -9.65 -0.63 26.63
C ARG A 113 -8.29 -0.87 25.99
N PHE A 114 -7.39 0.10 26.12
CA PHE A 114 -6.00 -0.13 25.76
C PHE A 114 -5.36 -1.02 26.82
N VAL A 115 -4.86 -2.18 26.39
CA VAL A 115 -4.22 -3.14 27.29
C VAL A 115 -2.73 -3.20 27.11
N CYS A 116 -2.17 -2.39 26.21
CA CYS A 116 -0.74 -2.21 26.14
C CYS A 116 -0.31 -1.14 27.13
N ASP A 117 0.97 -1.17 27.52
CA ASP A 117 1.49 -0.29 28.55
C ASP A 117 1.63 1.13 27.99
N LEU A 118 0.50 1.84 27.91
CA LEU A 118 0.52 3.20 27.40
C LEU A 118 1.13 4.17 28.41
N GLN A 119 1.11 3.83 29.70
CA GLN A 119 1.73 4.71 30.69
C GLN A 119 3.23 4.83 30.44
N SER A 120 3.92 3.69 30.34
CA SER A 120 5.35 3.72 30.09
C SER A 120 5.66 4.29 28.71
N LEU A 121 4.71 4.24 27.79
CA LEU A 121 4.91 4.78 26.45
C LEU A 121 4.67 6.29 26.43
N LEU A 122 3.48 6.71 26.85
CA LEU A 122 3.10 8.11 26.76
C LEU A 122 3.69 8.97 27.87
N GLY A 123 4.06 8.36 28.99
CA GLY A 123 4.48 9.14 30.15
C GLY A 123 3.35 9.74 30.93
N TYR A 124 2.10 9.48 30.53
CA TYR A 124 0.91 9.90 31.24
C TYR A 124 0.26 8.70 31.91
N THR A 125 -0.35 8.94 33.08
CA THR A 125 -1.27 7.96 33.63
C THR A 125 -2.68 8.26 33.15
N PRO A 126 -3.55 7.25 33.10
CA PRO A 126 -4.92 7.52 32.65
C PRO A 126 -5.60 8.60 33.47
N GLU A 127 -5.41 8.60 34.79
CA GLU A 127 -6.04 9.60 35.63
C GLU A 127 -5.55 11.01 35.29
N GLU A 128 -4.27 11.14 34.96
CA GLU A 128 -3.72 12.45 34.58
C GLU A 128 -4.47 13.02 33.39
N LEU A 129 -4.61 12.23 32.32
CA LEU A 129 -5.35 12.69 31.15
C LEU A 129 -6.81 12.97 31.50
N HIS A 130 -7.40 12.15 32.37
CA HIS A 130 -8.79 12.36 32.77
C HIS A 130 -8.99 13.76 33.35
N ALA A 131 -8.10 14.17 34.25
CA ALA A 131 -8.20 15.50 34.83
C ALA A 131 -7.98 16.59 33.77
N MET A 132 -6.99 16.40 32.90
CA MET A 132 -6.75 17.38 31.84
C MET A 132 -7.97 17.56 30.95
N LEU A 133 -8.76 16.49 30.79
CA LEU A 133 -9.89 16.50 29.87
C LEU A 133 -11.23 16.68 30.58
N ASP A 134 -11.23 16.78 31.90
CA ASP A 134 -12.46 16.95 32.67
C ASP A 134 -13.42 15.79 32.45
N VAL A 135 -12.92 14.58 32.69
CA VAL A 135 -13.70 13.37 32.50
C VAL A 135 -14.62 13.16 33.70
N LYS A 136 -15.84 12.70 33.42
CA LYS A 136 -16.86 12.55 34.45
C LYS A 136 -17.10 11.09 34.82
N GLY B 2 19.62 -21.38 -8.25
CA GLY B 2 20.00 -21.47 -9.64
C GLY B 2 19.32 -20.41 -10.50
N THR B 3 19.27 -20.65 -11.81
CA THR B 3 18.65 -19.71 -12.73
C THR B 3 17.13 -19.87 -12.68
N PHE B 4 16.44 -19.09 -13.53
CA PHE B 4 14.98 -19.20 -13.60
C PHE B 4 14.56 -20.41 -14.41
N LYS B 5 15.28 -20.73 -15.49
CA LYS B 5 14.96 -21.91 -16.28
C LYS B 5 15.07 -23.18 -15.45
N ASP B 6 15.98 -23.22 -14.47
CA ASP B 6 16.08 -24.37 -13.59
C ASP B 6 14.93 -24.36 -12.58
N TYR B 7 14.65 -23.20 -11.99
CA TYR B 7 13.56 -23.08 -11.02
C TYR B 7 12.23 -23.54 -11.61
N VAL B 8 12.03 -23.34 -12.92
CA VAL B 8 10.78 -23.77 -13.55
C VAL B 8 10.84 -25.25 -13.90
N ARG B 9 12.02 -25.74 -14.32
CA ARG B 9 12.15 -27.15 -14.66
C ARG B 9 12.04 -28.02 -13.41
N ASP B 10 12.77 -27.65 -12.35
CA ASP B 10 12.71 -28.43 -11.11
C ASP B 10 11.28 -28.54 -10.60
N ARG B 11 10.57 -27.41 -10.52
CA ARG B 11 9.19 -27.44 -10.06
C ARG B 11 8.32 -28.26 -11.01
N ALA B 12 8.66 -28.31 -12.30
CA ALA B 12 7.91 -29.12 -13.24
C ALA B 12 8.08 -30.61 -12.93
N ASP B 13 9.31 -31.04 -12.66
CA ASP B 13 9.55 -32.43 -12.34
C ASP B 13 8.80 -32.88 -11.09
N LEU B 14 8.42 -31.94 -10.22
CA LEU B 14 7.66 -32.23 -9.02
C LEU B 14 6.16 -32.09 -9.24
N ASN B 15 5.72 -31.90 -10.49
CA ASN B 15 4.30 -31.75 -10.81
C ASN B 15 3.70 -30.55 -10.07
N LYS B 16 4.49 -29.47 -9.96
CA LYS B 16 3.99 -28.21 -9.45
C LYS B 16 3.55 -27.32 -10.62
N ASP B 17 2.98 -26.16 -10.29
CA ASP B 17 2.62 -25.16 -11.29
C ASP B 17 1.60 -25.72 -12.29
N LYS B 18 0.72 -26.61 -11.84
CA LYS B 18 -0.36 -27.13 -12.70
C LYS B 18 -1.71 -27.08 -11.98
N PRO B 19 -2.04 -25.95 -11.35
CA PRO B 19 -3.34 -25.86 -10.68
C PRO B 19 -4.46 -25.65 -11.70
N VAL B 20 -5.56 -26.39 -11.50
CA VAL B 20 -6.68 -26.27 -12.43
C VAL B 20 -7.22 -24.85 -12.46
N ILE B 21 -7.13 -24.15 -11.34
CA ILE B 21 -7.67 -22.80 -11.23
C ILE B 21 -6.56 -21.88 -10.71
N PRO B 22 -5.62 -21.47 -11.56
CA PRO B 22 -4.57 -20.55 -11.10
C PRO B 22 -5.18 -19.24 -10.63
N ALA B 23 -4.75 -18.78 -9.46
CA ALA B 23 -5.28 -17.53 -8.91
C ALA B 23 -5.16 -16.38 -9.90
N ALA B 24 -4.02 -16.30 -10.60
CA ALA B 24 -3.82 -15.21 -11.55
C ALA B 24 -4.84 -15.27 -12.69
N ALA B 25 -4.99 -16.45 -13.30
CA ALA B 25 -6.02 -16.61 -14.33
C ALA B 25 -7.39 -16.25 -13.81
N LEU B 26 -7.74 -16.73 -12.61
CA LEU B 26 -9.05 -16.43 -12.05
C LEU B 26 -9.21 -14.94 -11.79
N ALA B 27 -8.16 -14.27 -11.32
CA ALA B 27 -8.22 -12.84 -11.09
C ALA B 27 -8.48 -12.08 -12.38
N GLY B 28 -7.80 -12.45 -13.46
CA GLY B 28 -8.07 -11.83 -14.74
C GLY B 28 -9.48 -12.09 -15.22
N TYR B 29 -10.02 -13.27 -14.91
CA TYR B 29 -11.38 -13.59 -15.32
C TYR B 29 -12.40 -12.71 -14.59
N THR B 30 -12.18 -12.47 -13.29
CA THR B 30 -13.08 -11.64 -12.51
C THR B 30 -12.70 -10.17 -12.54
N GLY B 31 -11.55 -9.83 -13.11
CA GLY B 31 -11.12 -8.44 -13.18
C GLY B 31 -10.83 -7.84 -11.82
N SER B 32 -10.26 -8.63 -10.90
CA SER B 32 -9.96 -8.15 -9.56
C SER B 32 -8.55 -7.58 -9.44
N GLY B 33 -7.73 -7.71 -10.48
CA GLY B 33 -6.36 -7.26 -10.41
C GLY B 33 -5.54 -8.24 -9.60
N PRO B 34 -4.92 -7.78 -8.51
CA PRO B 34 -4.15 -8.70 -7.67
C PRO B 34 -5.04 -9.81 -7.13
N ILE B 35 -4.43 -10.99 -6.93
CA ILE B 35 -5.21 -12.13 -6.47
C ILE B 35 -5.73 -11.86 -5.06
N GLN B 36 -6.90 -12.40 -4.76
CA GLN B 36 -7.49 -12.32 -3.45
C GLN B 36 -7.37 -13.67 -2.75
N LEU B 37 -7.56 -13.66 -1.43
CA LEU B 37 -7.36 -14.86 -0.63
C LEU B 37 -8.22 -16.02 -1.13
N TRP B 38 -9.50 -15.75 -1.41
CA TRP B 38 -10.39 -16.82 -1.85
C TRP B 38 -9.91 -17.43 -3.16
N GLN B 39 -9.27 -16.63 -4.01
CA GLN B 39 -8.70 -17.16 -5.25
C GLN B 39 -7.44 -17.96 -4.97
N PHE B 40 -6.58 -17.45 -4.09
CA PHE B 40 -5.39 -18.19 -3.70
C PHE B 40 -5.74 -19.57 -3.15
N LEU B 41 -6.83 -19.65 -2.38
CA LEU B 41 -7.22 -20.95 -1.81
C LEU B 41 -7.71 -21.89 -2.91
N LEU B 42 -8.50 -21.39 -3.86
CA LEU B 42 -8.93 -22.22 -4.97
C LEU B 42 -7.76 -22.71 -5.82
N GLU B 43 -6.59 -22.06 -5.71
CA GLU B 43 -5.42 -22.54 -6.44
C GLU B 43 -4.80 -23.73 -5.73
N LEU B 44 -4.54 -23.60 -4.42
CA LEU B 44 -4.02 -24.72 -3.66
C LEU B 44 -4.98 -25.89 -3.71
N LEU B 45 -6.27 -25.63 -3.59
CA LEU B 45 -7.26 -26.71 -3.57
C LEU B 45 -7.33 -27.47 -4.88
N THR B 46 -6.84 -26.89 -5.98
CA THR B 46 -6.83 -27.55 -7.28
C THR B 46 -5.41 -27.78 -7.78
N ASP B 47 -4.44 -27.80 -6.87
CA ASP B 47 -3.04 -28.07 -7.19
C ASP B 47 -2.64 -29.35 -6.47
N LYS B 48 -2.44 -30.43 -7.22
CA LYS B 48 -2.17 -31.73 -6.61
C LYS B 48 -0.95 -31.70 -5.70
N SER B 49 0.02 -30.81 -5.99
CA SER B 49 1.23 -30.72 -5.17
C SER B 49 0.98 -30.10 -3.80
N CYS B 50 -0.26 -29.72 -3.50
CA CYS B 50 -0.60 -29.09 -2.22
C CYS B 50 -1.56 -29.93 -1.38
N GLN B 51 -1.91 -31.14 -1.82
CA GLN B 51 -2.90 -31.94 -1.10
C GLN B 51 -2.43 -32.39 0.28
N SER B 52 -1.16 -32.17 0.62
CA SER B 52 -0.66 -32.57 1.92
C SER B 52 -1.12 -31.62 3.03
N PHE B 53 -1.18 -30.32 2.76
CA PHE B 53 -1.55 -29.33 3.77
C PHE B 53 -2.94 -28.74 3.55
N ILE B 54 -3.51 -28.85 2.35
CA ILE B 54 -4.86 -28.39 2.10
C ILE B 54 -5.47 -29.26 1.01
N SER B 55 -6.76 -29.55 1.13
CA SER B 55 -7.40 -30.45 0.18
C SER B 55 -8.91 -30.40 0.39
N TRP B 56 -9.63 -30.96 -0.58
CA TRP B 56 -11.07 -31.13 -0.46
C TRP B 56 -11.37 -32.34 0.42
N THR B 57 -12.53 -32.31 1.08
CA THR B 57 -12.97 -33.42 1.91
C THR B 57 -13.81 -34.44 1.14
N GLY B 58 -14.45 -34.01 0.05
CA GLY B 58 -15.32 -34.87 -0.74
C GLY B 58 -16.77 -34.49 -0.68
N ASP B 59 -17.14 -33.54 0.16
CA ASP B 59 -18.52 -33.13 0.37
C ASP B 59 -18.72 -31.75 -0.24
N GLY B 60 -18.85 -31.72 -1.56
CA GLY B 60 -19.11 -30.45 -2.24
C GLY B 60 -17.92 -29.53 -2.16
N TRP B 61 -18.18 -28.27 -1.81
CA TRP B 61 -17.16 -27.23 -1.74
C TRP B 61 -16.52 -27.14 -0.37
N GLU B 62 -16.53 -28.23 0.40
CA GLU B 62 -15.92 -28.25 1.72
C GLU B 62 -14.46 -28.64 1.59
N PHE B 63 -13.62 -28.05 2.44
CA PHE B 63 -12.19 -28.32 2.41
C PHE B 63 -11.62 -28.17 3.81
N LYS B 64 -10.45 -28.77 4.01
CA LYS B 64 -9.76 -28.75 5.30
C LYS B 64 -8.32 -28.33 5.11
N LEU B 65 -7.79 -27.64 6.12
CA LEU B 65 -6.39 -27.23 6.16
C LEU B 65 -5.65 -28.22 7.05
N SER B 66 -4.95 -29.18 6.42
CA SER B 66 -4.20 -30.16 7.19
C SER B 66 -3.05 -29.52 7.94
N ASP B 67 -2.36 -28.57 7.32
CA ASP B 67 -1.27 -27.82 7.95
C ASP B 67 -1.59 -26.34 7.84
N PRO B 68 -2.39 -25.80 8.77
CA PRO B 68 -2.79 -24.39 8.65
C PRO B 68 -1.61 -23.43 8.61
N ASP B 69 -0.48 -23.80 9.19
CA ASP B 69 0.68 -22.91 9.18
C ASP B 69 1.25 -22.77 7.77
N GLU B 70 1.36 -23.88 7.04
CA GLU B 70 1.90 -23.82 5.69
C GLU B 70 1.04 -22.95 4.78
N VAL B 71 -0.29 -23.05 4.93
CA VAL B 71 -1.18 -22.23 4.11
C VAL B 71 -0.95 -20.75 4.38
N ALA B 72 -0.80 -20.38 5.67
CA ALA B 72 -0.53 -18.99 5.99
C ALA B 72 0.88 -18.58 5.57
N ARG B 73 1.80 -19.53 5.47
CA ARG B 73 3.17 -19.19 5.07
C ARG B 73 3.23 -18.84 3.59
N ARG B 74 2.55 -19.62 2.75
CA ARG B 74 2.56 -19.34 1.32
C ARG B 74 1.80 -18.07 1.00
N TRP B 75 0.65 -17.85 1.65
CA TRP B 75 -0.06 -16.58 1.50
C TRP B 75 0.82 -15.41 1.91
N GLY B 76 1.73 -15.63 2.86
CA GLY B 76 2.67 -14.58 3.21
C GLY B 76 3.68 -14.33 2.11
N LYS B 77 4.26 -15.40 1.55
CA LYS B 77 5.23 -15.25 0.48
C LYS B 77 4.62 -14.63 -0.77
N ARG B 78 3.33 -14.90 -1.01
CA ARG B 78 2.66 -14.39 -2.20
C ARG B 78 2.32 -12.90 -2.10
N LYS B 79 2.25 -12.35 -0.89
CA LYS B 79 1.96 -10.93 -0.71
C LYS B 79 3.07 -10.20 0.04
N ASN B 80 4.26 -10.80 0.12
CA ASN B 80 5.40 -10.19 0.78
C ASN B 80 5.04 -9.75 2.21
N LYS B 81 4.44 -10.67 2.95
CA LYS B 81 4.12 -10.48 4.36
C LYS B 81 4.79 -11.60 5.15
N PRO B 82 6.10 -11.51 5.35
CA PRO B 82 6.81 -12.62 6.02
C PRO B 82 6.33 -12.90 7.44
N LYS B 83 5.63 -11.96 8.07
CA LYS B 83 5.07 -12.18 9.39
C LYS B 83 3.64 -12.70 9.36
N MET B 84 3.24 -13.36 8.27
CA MET B 84 1.91 -13.91 8.18
C MET B 84 1.83 -15.21 8.98
N ASN B 85 0.71 -15.40 9.67
CA ASN B 85 0.47 -16.62 10.44
C ASN B 85 -1.02 -16.93 10.37
N TYR B 86 -1.38 -18.10 10.92
CA TYR B 86 -2.77 -18.53 10.80
C TYR B 86 -3.73 -17.62 11.55
N GLU B 87 -3.28 -17.01 12.65
CA GLU B 87 -4.15 -16.09 13.38
C GLU B 87 -4.59 -14.93 12.48
N LYS B 88 -3.63 -14.34 11.76
CA LYS B 88 -3.99 -13.28 10.82
C LYS B 88 -4.81 -13.84 9.65
N LEU B 89 -4.39 -14.99 9.11
CA LEU B 89 -5.16 -15.63 8.06
C LEU B 89 -6.58 -15.95 8.52
N SER B 90 -6.74 -16.33 9.79
CA SER B 90 -8.06 -16.71 10.29
C SER B 90 -9.00 -15.50 10.31
N ARG B 91 -8.51 -14.33 10.69
CA ARG B 91 -9.30 -13.11 10.55
C ARG B 91 -9.68 -12.87 9.10
N GLY B 92 -8.77 -13.17 8.17
CA GLY B 92 -9.09 -13.02 6.76
C GLY B 92 -10.29 -13.86 6.35
N LEU B 93 -10.30 -15.14 6.77
CA LEU B 93 -11.44 -15.99 6.46
C LEU B 93 -12.72 -15.47 7.11
N ARG B 94 -12.60 -14.89 8.31
CA ARG B 94 -13.77 -14.29 8.95
C ARG B 94 -14.43 -13.27 8.02
N TYR B 95 -13.62 -12.52 7.27
CA TYR B 95 -14.20 -11.57 6.33
C TYR B 95 -15.09 -12.27 5.31
N TYR B 96 -14.66 -13.42 4.81
CA TYR B 96 -15.47 -14.17 3.85
C TYR B 96 -16.70 -14.77 4.52
N TYR B 97 -16.62 -15.07 5.82
CA TYR B 97 -17.81 -15.46 6.56
C TYR B 97 -18.80 -14.30 6.62
N ASP B 98 -18.33 -13.11 7.03
CA ASP B 98 -19.19 -11.92 7.06
C ASP B 98 -19.85 -11.67 5.71
N LYS B 99 -19.21 -12.06 4.61
CA LYS B 99 -19.74 -11.83 3.28
C LYS B 99 -20.34 -13.08 2.65
N ASN B 100 -20.57 -14.12 3.45
CA ASN B 100 -21.28 -15.33 3.01
C ASN B 100 -20.63 -15.94 1.78
N ILE B 101 -19.30 -15.89 1.72
CA ILE B 101 -18.53 -16.58 0.71
C ILE B 101 -17.92 -17.89 1.21
N ILE B 102 -17.53 -17.95 2.49
CA ILE B 102 -16.96 -19.16 3.09
C ILE B 102 -17.50 -19.28 4.50
N HIS B 103 -18.03 -20.45 4.85
CA HIS B 103 -18.55 -20.70 6.18
C HIS B 103 -17.69 -21.74 6.88
N LYS B 104 -17.83 -21.79 8.20
CA LYS B 104 -17.12 -22.77 9.02
C LYS B 104 -17.98 -24.01 9.22
N THR B 105 -17.35 -25.17 9.14
CA THR B 105 -18.03 -26.41 9.47
C THR B 105 -18.11 -26.56 10.99
N ALA B 106 -19.32 -26.80 11.49
CA ALA B 106 -19.53 -26.85 12.92
C ALA B 106 -18.78 -28.01 13.55
N GLY B 107 -18.22 -27.77 14.73
CA GLY B 107 -17.57 -28.80 15.51
C GLY B 107 -16.25 -29.30 14.96
N LYS B 108 -15.75 -28.74 13.86
CA LYS B 108 -14.50 -29.18 13.26
C LYS B 108 -13.56 -28.00 13.09
N ARG B 109 -12.27 -28.26 13.37
CA ARG B 109 -11.24 -27.23 13.26
C ARG B 109 -10.63 -27.23 11.87
N TYR B 110 -10.43 -26.04 11.32
CA TYR B 110 -9.75 -25.85 10.05
C TYR B 110 -10.55 -26.40 8.87
N VAL B 111 -11.87 -26.46 9.00
CA VAL B 111 -12.75 -27.01 7.97
C VAL B 111 -13.73 -25.93 7.55
N TYR B 112 -13.75 -25.62 6.26
CA TYR B 112 -14.54 -24.54 5.70
C TYR B 112 -15.26 -25.03 4.45
N ARG B 113 -16.22 -24.23 4.00
CA ARG B 113 -16.98 -24.55 2.80
C ARG B 113 -17.30 -23.27 2.05
N PHE B 114 -17.08 -23.28 0.74
CA PHE B 114 -17.57 -22.19 -0.10
C PHE B 114 -19.09 -22.28 -0.18
N VAL B 115 -19.77 -21.23 0.28
CA VAL B 115 -21.23 -21.18 0.24
C VAL B 115 -21.75 -20.26 -0.86
N CYS B 116 -20.87 -19.62 -1.61
CA CYS B 116 -21.28 -18.89 -2.80
C CYS B 116 -21.56 -19.91 -3.90
N ASP B 117 -21.80 -19.41 -5.13
CA ASP B 117 -22.15 -20.29 -6.25
C ASP B 117 -20.95 -20.45 -7.17
N LEU B 118 -19.94 -21.16 -6.65
CA LEU B 118 -18.71 -21.36 -7.41
C LEU B 118 -18.95 -22.13 -8.70
N GLN B 119 -20.01 -22.93 -8.75
CA GLN B 119 -20.28 -23.69 -9.97
C GLN B 119 -20.67 -22.77 -11.12
N SER B 120 -21.48 -21.76 -10.85
CA SER B 120 -21.84 -20.81 -11.88
C SER B 120 -20.65 -19.94 -12.28
N LEU B 121 -19.75 -19.66 -11.33
CA LEU B 121 -18.61 -18.81 -11.60
C LEU B 121 -17.50 -19.58 -12.32
N LEU B 122 -17.18 -20.77 -11.83
CA LEU B 122 -16.03 -21.52 -12.34
C LEU B 122 -16.38 -22.40 -13.53
N GLY B 123 -17.65 -22.72 -13.74
CA GLY B 123 -18.01 -23.70 -14.76
C GLY B 123 -17.64 -25.12 -14.40
N TYR B 124 -17.32 -25.37 -13.14
CA TYR B 124 -16.97 -26.70 -12.64
C TYR B 124 -17.95 -27.11 -11.54
N THR B 125 -18.16 -28.41 -11.42
CA THR B 125 -18.84 -28.96 -10.25
C THR B 125 -17.81 -29.46 -9.25
N PRO B 126 -18.18 -29.56 -7.97
CA PRO B 126 -17.22 -30.12 -7.00
C PRO B 126 -16.74 -31.50 -7.41
N GLU B 127 -17.67 -32.38 -7.80
CA GLU B 127 -17.32 -33.75 -8.14
C GLU B 127 -16.37 -33.79 -9.34
N GLU B 128 -16.58 -32.89 -10.30
CA GLU B 128 -15.70 -32.84 -11.46
C GLU B 128 -14.26 -32.56 -11.05
N LEU B 129 -14.05 -31.54 -10.21
CA LEU B 129 -12.71 -31.24 -9.73
C LEU B 129 -12.14 -32.39 -8.91
N HIS B 130 -12.96 -32.97 -8.02
CA HIS B 130 -12.50 -34.08 -7.19
C HIS B 130 -11.95 -35.20 -8.03
N ALA B 131 -12.66 -35.58 -9.09
CA ALA B 131 -12.17 -36.63 -9.99
C ALA B 131 -10.85 -36.22 -10.64
N MET B 132 -10.76 -34.97 -11.11
CA MET B 132 -9.51 -34.50 -11.72
C MET B 132 -8.36 -34.53 -10.72
N LEU B 133 -8.65 -34.31 -9.44
CA LEU B 133 -7.63 -34.21 -8.42
C LEU B 133 -7.46 -35.49 -7.61
N ASP B 134 -8.16 -36.57 -7.99
CA ASP B 134 -8.03 -37.86 -7.31
C ASP B 134 -8.31 -37.71 -5.81
N VAL B 135 -9.36 -36.97 -5.47
CA VAL B 135 -9.73 -36.78 -4.07
C VAL B 135 -10.34 -38.05 -3.51
N LYS B 136 -9.90 -38.45 -2.33
CA LYS B 136 -10.35 -39.69 -1.70
C LYS B 136 -11.55 -39.47 -0.78
N GLY C 2 -18.30 -16.16 -20.63
CA GLY C 2 -19.11 -17.07 -19.83
C GLY C 2 -18.48 -17.39 -18.49
N THR C 3 -18.26 -18.67 -18.23
CA THR C 3 -17.66 -19.12 -16.99
C THR C 3 -16.13 -19.12 -17.09
N PHE C 4 -15.47 -19.34 -15.96
CA PHE C 4 -14.02 -19.42 -15.96
C PHE C 4 -13.53 -20.55 -16.85
N LYS C 5 -14.28 -21.65 -16.91
CA LYS C 5 -13.91 -22.76 -17.78
C LYS C 5 -13.86 -22.31 -19.24
N ASP C 6 -14.75 -21.40 -19.63
CA ASP C 6 -14.75 -20.87 -21.00
C ASP C 6 -13.60 -19.89 -21.18
N TYR C 7 -13.41 -18.99 -20.22
CA TYR C 7 -12.27 -18.07 -20.23
C TYR C 7 -10.98 -18.80 -20.59
N VAL C 8 -10.69 -19.90 -19.88
CA VAL C 8 -9.47 -20.65 -20.14
C VAL C 8 -9.51 -21.25 -21.54
N ARG C 9 -10.60 -21.95 -21.88
CA ARG C 9 -10.69 -22.63 -23.16
C ARG C 9 -10.56 -21.66 -24.33
N ASP C 10 -11.40 -20.63 -24.35
CA ASP C 10 -11.40 -19.69 -25.47
C ASP C 10 -10.04 -19.05 -25.64
N ARG C 11 -9.46 -18.56 -24.54
CA ARG C 11 -8.15 -17.92 -24.60
C ARG C 11 -7.09 -18.87 -25.16
N ALA C 12 -7.18 -20.16 -24.80
CA ALA C 12 -6.22 -21.12 -25.30
C ALA C 12 -6.34 -21.28 -26.81
N ASP C 13 -7.56 -21.22 -27.34
CA ASP C 13 -7.75 -21.28 -28.79
C ASP C 13 -7.07 -20.10 -29.48
N LEU C 14 -6.94 -18.97 -28.78
CA LEU C 14 -6.21 -17.81 -29.29
C LEU C 14 -4.73 -17.87 -28.95
N ASN C 15 -4.25 -19.00 -28.42
CA ASN C 15 -2.84 -19.17 -28.09
C ASN C 15 -2.35 -18.11 -27.10
N LYS C 16 -3.16 -17.84 -26.08
CA LYS C 16 -2.78 -16.95 -24.99
C LYS C 16 -2.31 -17.78 -23.80
N ASP C 17 -1.98 -17.07 -22.71
CA ASP C 17 -1.64 -17.71 -21.44
C ASP C 17 -0.47 -18.69 -21.57
N LYS C 18 0.41 -18.48 -22.56
CA LYS C 18 1.58 -19.33 -22.75
C LYS C 18 2.86 -18.50 -22.80
N PRO C 19 3.11 -17.65 -21.80
CA PRO C 19 4.36 -16.89 -21.78
C PRO C 19 5.52 -17.73 -21.28
N VAL C 20 6.68 -17.54 -21.90
CA VAL C 20 7.87 -18.27 -21.47
C VAL C 20 8.25 -17.85 -20.05
N ILE C 21 8.11 -16.57 -19.74
CA ILE C 21 8.45 -16.03 -18.42
C ILE C 21 7.17 -15.49 -17.76
N PRO C 22 6.36 -16.33 -17.14
CA PRO C 22 5.15 -15.82 -16.49
C PRO C 22 5.50 -14.93 -15.31
N ALA C 23 4.88 -13.76 -15.28
CA ALA C 23 5.20 -12.78 -14.25
C ALA C 23 5.13 -13.41 -12.86
N ALA C 24 4.04 -14.11 -12.57
CA ALA C 24 3.85 -14.70 -11.24
C ALA C 24 4.92 -15.73 -10.92
N ALA C 25 5.28 -16.55 -11.92
CA ALA C 25 6.37 -17.52 -11.71
C ALA C 25 7.68 -16.80 -11.41
N LEU C 26 7.95 -15.70 -12.10
CA LEU C 26 9.17 -14.94 -11.82
C LEU C 26 9.09 -14.25 -10.46
N ALA C 27 7.89 -13.84 -10.05
CA ALA C 27 7.73 -13.22 -8.73
C ALA C 27 8.07 -14.21 -7.62
N GLY C 28 7.56 -15.44 -7.71
CA GLY C 28 7.89 -16.44 -6.71
C GLY C 28 9.37 -16.78 -6.69
N TYR C 29 10.01 -16.75 -7.85
CA TYR C 29 11.45 -17.02 -7.91
C TYR C 29 12.25 -15.94 -7.20
N THR C 30 11.90 -14.67 -7.43
CA THR C 30 12.60 -13.55 -6.80
C THR C 30 12.04 -13.22 -5.42
N GLY C 31 10.88 -13.78 -5.06
CA GLY C 31 10.33 -13.55 -3.74
C GLY C 31 9.76 -12.17 -3.52
N SER C 32 9.17 -11.56 -4.56
CA SER C 32 8.61 -10.23 -4.43
C SER C 32 7.15 -10.22 -4.01
N GLY C 33 6.47 -11.36 -4.04
CA GLY C 33 5.06 -11.42 -3.76
C GLY C 33 4.26 -11.00 -4.98
N PRO C 34 3.63 -9.83 -4.95
CA PRO C 34 2.94 -9.35 -6.15
C PRO C 34 3.92 -9.20 -7.30
N ILE C 35 3.38 -9.15 -8.51
CA ILE C 35 4.22 -8.98 -9.69
C ILE C 35 4.60 -7.52 -9.82
N GLN C 36 5.85 -7.27 -10.22
CA GLN C 36 6.35 -5.92 -10.46
C GLN C 36 6.26 -5.59 -11.95
N LEU C 37 6.44 -4.31 -12.27
CA LEU C 37 6.31 -3.88 -13.67
C LEU C 37 7.28 -4.63 -14.58
N TRP C 38 8.55 -4.73 -14.18
CA TRP C 38 9.54 -5.33 -15.05
C TRP C 38 9.20 -6.78 -15.35
N GLN C 39 8.63 -7.49 -14.37
CA GLN C 39 8.16 -8.86 -14.59
C GLN C 39 7.00 -8.88 -15.58
N PHE C 40 6.06 -7.94 -15.43
CA PHE C 40 4.93 -7.86 -16.35
C PHE C 40 5.41 -7.71 -17.78
N LEU C 41 6.43 -6.88 -18.00
CA LEU C 41 6.93 -6.66 -19.36
C LEU C 41 7.58 -7.93 -19.91
N LEU C 42 8.35 -8.63 -19.08
CA LEU C 42 8.97 -9.87 -19.54
C LEU C 42 7.92 -10.91 -19.95
N GLU C 43 6.77 -10.91 -19.28
CA GLU C 43 5.70 -11.82 -19.69
C GLU C 43 5.19 -11.46 -21.08
N LEU C 44 4.74 -10.22 -21.26
CA LEU C 44 4.26 -9.78 -22.57
C LEU C 44 5.32 -10.03 -23.64
N LEU C 45 6.58 -9.70 -23.34
CA LEU C 45 7.66 -9.89 -24.30
C LEU C 45 7.91 -11.36 -24.61
N THR C 46 7.47 -12.27 -23.73
CA THR C 46 7.62 -13.70 -23.95
C THR C 46 6.28 -14.38 -24.24
N ASP C 47 5.32 -13.61 -24.78
CA ASP C 47 3.99 -14.13 -25.09
C ASP C 47 3.70 -13.78 -26.55
N LYS C 48 3.61 -14.82 -27.39
CA LYS C 48 3.41 -14.60 -28.83
C LYS C 48 2.18 -13.73 -29.10
N SER C 49 1.13 -13.86 -28.29
CA SER C 49 -0.10 -13.13 -28.54
C SER C 49 0.02 -11.63 -28.25
N CYS C 50 1.18 -11.16 -27.79
CA CYS C 50 1.38 -9.76 -27.47
C CYS C 50 2.35 -9.06 -28.41
N GLN C 51 2.80 -9.74 -29.47
CA GLN C 51 3.82 -9.18 -30.36
C GLN C 51 3.30 -8.04 -31.23
N SER C 52 2.00 -7.75 -31.20
CA SER C 52 1.48 -6.64 -31.99
C SER C 52 1.70 -5.29 -31.31
N PHE C 53 1.72 -5.26 -29.98
CA PHE C 53 1.92 -4.01 -29.24
C PHE C 53 3.20 -3.96 -28.43
N ILE C 54 3.97 -5.06 -28.36
CA ILE C 54 5.25 -5.06 -27.66
C ILE C 54 6.03 -6.27 -28.13
N SER C 55 7.31 -6.07 -28.39
CA SER C 55 8.14 -7.13 -28.94
C SER C 55 9.60 -6.72 -28.85
N TRP C 56 10.48 -7.71 -28.90
CA TRP C 56 11.90 -7.44 -28.95
C TRP C 56 12.28 -6.86 -30.32
N THR C 57 13.47 -6.25 -30.37
CA THR C 57 13.98 -5.68 -31.61
C THR C 57 15.04 -6.55 -32.26
N GLY C 58 15.43 -7.66 -31.63
CA GLY C 58 16.50 -8.50 -32.13
C GLY C 58 17.88 -8.09 -31.65
N ASP C 59 17.99 -7.02 -30.86
CA ASP C 59 19.27 -6.51 -30.38
C ASP C 59 19.35 -6.74 -28.87
N GLY C 60 19.70 -7.97 -28.49
CA GLY C 60 19.83 -8.30 -27.09
C GLY C 60 18.53 -8.07 -26.33
N TRP C 61 18.64 -7.44 -25.17
CA TRP C 61 17.50 -7.25 -24.29
C TRP C 61 16.74 -5.97 -24.61
N GLU C 62 16.78 -5.54 -25.88
CA GLU C 62 16.09 -4.34 -26.30
C GLU C 62 14.70 -4.68 -26.83
N PHE C 63 13.71 -3.88 -26.43
CA PHE C 63 12.32 -4.09 -26.84
C PHE C 63 11.67 -2.75 -27.18
N LYS C 64 10.56 -2.82 -27.90
CA LYS C 64 9.80 -1.65 -28.32
C LYS C 64 8.35 -1.78 -27.90
N LEU C 65 7.71 -0.63 -27.67
CA LEU C 65 6.29 -0.55 -27.36
C LEU C 65 5.58 0.02 -28.59
N SER C 66 5.19 -0.88 -29.49
CA SER C 66 4.48 -0.45 -30.69
C SER C 66 3.17 0.25 -30.36
N ASP C 67 2.50 -0.16 -29.30
CA ASP C 67 1.25 0.46 -28.84
C ASP C 67 1.36 0.67 -27.33
N PRO C 68 2.01 1.75 -26.90
CA PRO C 68 2.18 1.97 -25.45
C PRO C 68 0.87 2.08 -24.70
N ASP C 69 -0.20 2.54 -25.37
CA ASP C 69 -1.49 2.66 -24.69
C ASP C 69 -2.08 1.29 -24.37
N GLU C 70 -1.73 0.26 -25.14
CA GLU C 70 -2.22 -1.08 -24.86
C GLU C 70 -1.43 -1.73 -23.72
N VAL C 71 -0.12 -1.48 -23.67
CA VAL C 71 0.68 -2.00 -22.58
C VAL C 71 0.21 -1.42 -21.25
N ALA C 72 -0.10 -0.13 -21.24
CA ALA C 72 -0.56 0.51 -20.00
C ALA C 72 -1.97 0.07 -19.64
N ARG C 73 -2.80 -0.22 -20.63
CA ARG C 73 -4.16 -0.69 -20.34
C ARG C 73 -4.12 -2.04 -19.65
N ARG C 74 -3.34 -2.98 -20.20
CA ARG C 74 -3.24 -4.30 -19.59
C ARG C 74 -2.62 -4.21 -18.20
N TRP C 75 -1.63 -3.33 -18.02
CA TRP C 75 -1.07 -3.10 -16.70
C TRP C 75 -2.16 -2.66 -15.72
N GLY C 76 -3.04 -1.75 -16.16
CA GLY C 76 -4.14 -1.32 -15.30
C GLY C 76 -5.06 -2.48 -14.93
N LYS C 77 -5.50 -3.24 -15.92
CA LYS C 77 -6.37 -4.38 -15.63
C LYS C 77 -5.67 -5.41 -14.77
N ARG C 78 -4.35 -5.50 -14.86
CA ARG C 78 -3.59 -6.48 -14.08
C ARG C 78 -3.42 -6.06 -12.62
N LYS C 79 -3.48 -4.77 -12.33
CA LYS C 79 -3.30 -4.24 -10.97
C LYS C 79 -4.54 -3.52 -10.46
N ASN C 80 -5.69 -3.71 -11.09
CA ASN C 80 -6.93 -3.05 -10.69
C ASN C 80 -6.73 -1.54 -10.60
N LYS C 81 -6.19 -0.97 -11.68
CA LYS C 81 -5.96 0.47 -11.83
C LYS C 81 -6.67 0.90 -13.11
N PRO C 82 -7.97 1.20 -13.04
CA PRO C 82 -8.68 1.60 -14.27
C PRO C 82 -8.16 2.90 -14.87
N LYS C 83 -7.64 3.81 -14.04
CA LYS C 83 -7.12 5.08 -14.52
C LYS C 83 -5.64 5.00 -14.91
N MET C 84 -5.11 3.80 -15.09
CA MET C 84 -3.73 3.66 -15.56
C MET C 84 -3.62 4.12 -17.01
N ASN C 85 -2.47 4.72 -17.33
CA ASN C 85 -2.21 5.18 -18.68
C ASN C 85 -0.71 5.22 -18.91
N TYR C 86 -0.31 5.59 -20.12
CA TYR C 86 1.11 5.58 -20.45
C TYR C 86 1.87 6.66 -19.70
N GLU C 87 1.24 7.79 -19.39
CA GLU C 87 1.90 8.80 -18.58
C GLU C 87 2.36 8.21 -17.25
N LYS C 88 1.43 7.56 -16.52
CA LYS C 88 1.81 6.94 -15.25
C LYS C 88 2.81 5.82 -15.47
N LEU C 89 2.59 4.99 -16.49
CA LEU C 89 3.52 3.89 -16.77
C LEU C 89 4.92 4.42 -17.04
N SER C 90 5.03 5.46 -17.88
CA SER C 90 6.34 6.07 -18.14
C SER C 90 6.94 6.63 -16.86
N ARG C 91 6.10 7.25 -16.02
CA ARG C 91 6.57 7.78 -14.75
C ARG C 91 7.25 6.69 -13.92
N GLY C 92 6.66 5.49 -13.88
CA GLY C 92 7.29 4.39 -13.18
C GLY C 92 8.62 4.01 -13.79
N LEU C 93 8.66 3.89 -15.12
CA LEU C 93 9.89 3.51 -15.80
C LEU C 93 11.04 4.45 -15.46
N ARG C 94 10.72 5.70 -15.08
CA ARG C 94 11.78 6.62 -14.67
C ARG C 94 12.49 6.11 -13.43
N TYR C 95 11.76 5.52 -12.48
CA TYR C 95 12.40 4.94 -11.31
C TYR C 95 13.23 3.73 -11.67
N TYR C 96 12.82 2.98 -12.69
CA TYR C 96 13.64 1.88 -13.17
C TYR C 96 14.94 2.39 -13.79
N TYR C 97 14.89 3.53 -14.51
CA TYR C 97 16.11 4.13 -15.03
C TYR C 97 17.10 4.40 -13.89
N ASP C 98 16.65 5.16 -12.89
CA ASP C 98 17.53 5.52 -11.78
C ASP C 98 18.15 4.30 -11.12
N LYS C 99 17.47 3.15 -11.19
CA LYS C 99 18.00 1.93 -10.60
C LYS C 99 18.80 1.10 -11.59
N ASN C 100 19.02 1.61 -12.80
CA ASN C 100 19.82 0.91 -13.81
C ASN C 100 19.28 -0.51 -14.04
N ILE C 101 17.96 -0.64 -13.99
CA ILE C 101 17.28 -1.87 -14.37
C ILE C 101 16.83 -1.82 -15.83
N ILE C 102 16.30 -0.69 -16.26
CA ILE C 102 15.91 -0.46 -17.63
C ILE C 102 16.44 0.90 -18.06
N HIS C 103 16.87 1.01 -19.31
CA HIS C 103 17.31 2.27 -19.87
C HIS C 103 16.50 2.57 -21.13
N LYS C 104 16.33 3.86 -21.39
CA LYS C 104 15.79 4.31 -22.67
C LYS C 104 16.87 4.20 -23.73
N THR C 105 16.52 3.66 -24.89
CA THR C 105 17.40 3.70 -26.06
C THR C 105 17.20 5.05 -26.74
N ALA C 106 18.17 5.94 -26.58
CA ALA C 106 18.06 7.27 -27.16
C ALA C 106 17.87 7.16 -28.67
N GLY C 107 17.20 8.16 -29.24
CA GLY C 107 17.03 8.21 -30.68
C GLY C 107 16.19 7.09 -31.23
N LYS C 108 15.36 6.46 -30.39
CA LYS C 108 14.44 5.42 -30.83
C LYS C 108 13.27 5.48 -29.86
N ARG C 109 12.18 6.11 -30.29
CA ARG C 109 11.08 6.41 -29.38
C ARG C 109 10.29 5.15 -29.03
N TYR C 110 9.98 5.00 -27.74
CA TYR C 110 9.27 3.84 -27.22
C TYR C 110 10.11 2.56 -27.27
N VAL C 111 11.42 2.70 -27.17
CA VAL C 111 12.35 1.57 -27.18
C VAL C 111 13.19 1.65 -25.91
N TYR C 112 13.34 0.50 -25.24
CA TYR C 112 14.06 0.41 -23.98
C TYR C 112 14.89 -0.86 -23.98
N ARG C 113 15.66 -1.05 -22.92
CA ARG C 113 16.59 -2.16 -22.84
C ARG C 113 16.81 -2.53 -21.38
N PHE C 114 16.62 -3.80 -21.05
CA PHE C 114 17.01 -4.30 -19.74
C PHE C 114 18.54 -4.27 -19.65
N VAL C 115 19.06 -3.52 -18.68
CA VAL C 115 20.50 -3.31 -18.53
C VAL C 115 21.05 -4.01 -17.30
N CYS C 116 20.26 -4.88 -16.68
CA CYS C 116 20.72 -5.72 -15.59
C CYS C 116 21.08 -7.10 -16.13
N ASP C 117 21.87 -7.83 -15.35
CA ASP C 117 22.35 -9.16 -15.76
C ASP C 117 21.15 -10.11 -15.81
N LEU C 118 20.38 -9.98 -16.90
CA LEU C 118 19.17 -10.76 -17.05
C LEU C 118 19.45 -12.17 -17.54
N GLN C 119 20.54 -12.37 -18.29
CA GLN C 119 20.88 -13.71 -18.76
C GLN C 119 21.22 -14.62 -17.59
N SER C 120 21.97 -14.12 -16.61
CA SER C 120 22.32 -14.94 -15.46
C SER C 120 21.12 -15.22 -14.57
N LEU C 121 20.19 -14.26 -14.47
CA LEU C 121 19.01 -14.45 -13.64
C LEU C 121 18.06 -15.46 -14.28
N LEU C 122 17.74 -15.27 -15.56
CA LEU C 122 16.75 -16.10 -16.24
C LEU C 122 17.32 -17.41 -16.78
N GLY C 123 18.63 -17.56 -16.82
CA GLY C 123 19.21 -18.72 -17.48
C GLY C 123 18.95 -18.79 -18.97
N TYR C 124 18.46 -17.71 -19.57
CA TYR C 124 18.23 -17.63 -21.00
C TYR C 124 19.14 -16.56 -21.60
N THR C 125 19.72 -16.85 -22.75
CA THR C 125 20.43 -15.81 -23.48
C THR C 125 19.42 -14.96 -24.26
N PRO C 126 19.76 -13.72 -24.58
CA PRO C 126 18.82 -12.88 -25.35
C PRO C 126 18.37 -13.55 -26.64
N GLU C 127 19.29 -14.16 -27.38
CA GLU C 127 18.94 -14.76 -28.66
C GLU C 127 18.15 -16.04 -28.46
N GLU C 128 18.41 -16.77 -27.38
CA GLU C 128 17.66 -17.99 -27.10
C GLU C 128 16.17 -17.71 -27.02
N LEU C 129 15.78 -16.65 -26.31
CA LEU C 129 14.37 -16.29 -26.24
C LEU C 129 13.85 -15.77 -27.58
N HIS C 130 14.70 -15.05 -28.32
CA HIS C 130 14.26 -14.49 -29.61
C HIS C 130 13.83 -15.60 -30.56
N ALA C 131 14.58 -16.69 -30.62
CA ALA C 131 14.20 -17.81 -31.47
C ALA C 131 12.95 -18.52 -30.94
N MET C 132 12.75 -18.52 -29.62
CA MET C 132 11.57 -19.15 -29.05
C MET C 132 10.31 -18.37 -29.43
N LEU C 133 10.41 -17.06 -29.58
CA LEU C 133 9.26 -16.20 -29.81
C LEU C 133 9.12 -15.76 -31.27
N ASP C 134 9.97 -16.27 -32.16
CA ASP C 134 9.93 -15.90 -33.57
C ASP C 134 10.05 -14.38 -33.73
N VAL C 135 11.07 -13.81 -33.10
CA VAL C 135 11.32 -12.38 -33.21
C VAL C 135 12.10 -12.09 -34.48
N LYS C 136 11.81 -10.95 -35.10
CA LYS C 136 12.46 -10.56 -36.35
C LYS C 136 13.38 -9.36 -36.15
N GLY D 2 12.49 8.59 28.05
CA GLY D 2 12.24 8.81 26.64
C GLY D 2 10.79 8.61 26.26
N THR D 3 9.88 9.00 27.15
CA THR D 3 8.47 8.85 26.91
C THR D 3 7.98 9.89 25.91
N PHE D 4 6.72 9.75 25.49
CA PHE D 4 6.13 10.74 24.59
C PHE D 4 6.08 12.11 25.24
N LYS D 5 5.77 12.15 26.54
CA LYS D 5 5.74 13.43 27.25
C LYS D 5 7.09 14.14 27.17
N ASP D 6 8.18 13.39 27.34
CA ASP D 6 9.51 13.97 27.17
C ASP D 6 9.74 14.37 25.72
N TYR D 7 9.33 13.52 24.77
CA TYR D 7 9.49 13.81 23.36
C TYR D 7 8.90 15.16 23.00
N VAL D 8 7.67 15.43 23.45
CA VAL D 8 7.00 16.68 23.12
C VAL D 8 7.63 17.85 23.86
N ARG D 9 8.14 17.60 25.07
CA ARG D 9 8.69 18.68 25.88
C ARG D 9 10.07 19.11 25.40
N ASP D 10 10.95 18.14 25.16
CA ASP D 10 12.29 18.45 24.70
C ASP D 10 12.27 19.10 23.32
N ARG D 11 11.35 18.67 22.46
CA ARG D 11 11.20 19.30 21.15
C ARG D 11 10.64 20.70 21.27
N ALA D 12 9.81 20.95 22.28
CA ALA D 12 9.29 22.30 22.50
C ALA D 12 10.42 23.26 22.85
N ASP D 13 11.38 22.81 23.67
CA ASP D 13 12.51 23.64 24.04
C ASP D 13 13.43 23.93 22.87
N LEU D 14 13.34 23.15 21.80
CA LEU D 14 14.07 23.43 20.56
C LEU D 14 13.21 24.18 19.55
N ASN D 15 12.04 24.68 19.95
CA ASN D 15 11.16 25.45 19.08
C ASN D 15 10.72 24.67 17.85
N LYS D 16 10.59 23.35 17.98
CA LYS D 16 10.05 22.53 16.91
C LYS D 16 8.53 22.43 17.04
N ASP D 17 7.91 21.79 16.05
CA ASP D 17 6.49 21.46 16.08
C ASP D 17 5.59 22.69 16.12
N LYS D 18 6.05 23.79 15.52
CA LYS D 18 5.25 25.02 15.41
C LYS D 18 5.18 25.51 13.97
N PRO D 19 4.92 24.63 13.01
CA PRO D 19 4.86 25.06 11.61
C PRO D 19 3.60 25.88 11.35
N VAL D 20 3.78 27.03 10.68
CA VAL D 20 2.63 27.86 10.33
C VAL D 20 1.65 27.08 9.46
N ILE D 21 2.15 26.18 8.63
CA ILE D 21 1.31 25.37 7.76
C ILE D 21 1.56 23.90 8.10
N PRO D 22 0.99 23.37 9.17
CA PRO D 22 1.14 21.94 9.45
C PRO D 22 0.59 21.10 8.32
N ALA D 23 1.34 20.06 7.94
CA ALA D 23 0.94 19.24 6.80
C ALA D 23 -0.42 18.59 7.03
N ALA D 24 -0.61 17.99 8.20
CA ALA D 24 -1.88 17.33 8.49
C ALA D 24 -3.04 18.32 8.44
N ALA D 25 -2.83 19.53 8.96
CA ALA D 25 -3.88 20.55 8.91
C ALA D 25 -4.20 20.93 7.47
N LEU D 26 -3.18 21.01 6.62
CA LEU D 26 -3.41 21.34 5.22
C LEU D 26 -4.14 20.20 4.51
N ALA D 27 -3.76 18.96 4.80
CA ALA D 27 -4.46 17.81 4.21
C ALA D 27 -5.94 17.81 4.56
N GLY D 28 -6.28 18.19 5.79
CA GLY D 28 -7.68 18.26 6.17
C GLY D 28 -8.42 19.37 5.44
N TYR D 29 -7.77 20.51 5.24
CA TYR D 29 -8.39 21.60 4.50
C TYR D 29 -8.66 21.22 3.05
N THR D 30 -7.72 20.54 2.41
CA THR D 30 -7.91 20.05 1.05
C THR D 30 -8.62 18.71 0.99
N GLY D 31 -8.83 18.04 2.13
CA GLY D 31 -9.51 16.76 2.14
C GLY D 31 -8.74 15.67 1.43
N SER D 32 -7.42 15.72 1.46
CA SER D 32 -6.60 14.75 0.75
C SER D 32 -6.32 13.48 1.54
N GLY D 33 -6.65 13.47 2.83
CA GLY D 33 -6.34 12.33 3.68
C GLY D 33 -4.88 12.33 4.10
N PRO D 34 -4.12 11.31 3.67
CA PRO D 34 -2.68 11.32 3.96
C PRO D 34 -1.99 12.52 3.35
N ILE D 35 -0.96 13.03 4.02
CA ILE D 35 -0.26 14.21 3.54
C ILE D 35 0.45 13.88 2.24
N GLN D 36 0.55 14.88 1.38
CA GLN D 36 1.26 14.77 0.12
C GLN D 36 2.58 15.51 0.20
N LEU D 37 3.47 15.23 -0.74
CA LEU D 37 4.81 15.81 -0.70
C LEU D 37 4.77 17.34 -0.68
N TRP D 38 3.91 17.93 -1.52
CA TRP D 38 3.87 19.40 -1.57
C TRP D 38 3.43 19.98 -0.23
N GLN D 39 2.52 19.31 0.48
CA GLN D 39 2.15 19.75 1.82
C GLN D 39 3.32 19.59 2.77
N PHE D 40 4.02 18.45 2.71
CA PHE D 40 5.18 18.23 3.58
C PHE D 40 6.23 19.32 3.40
N LEU D 41 6.46 19.77 2.16
CA LEU D 41 7.43 20.83 1.93
C LEU D 41 6.96 22.17 2.50
N LEU D 42 5.66 22.46 2.37
CA LEU D 42 5.11 23.67 2.97
C LEU D 42 5.26 23.67 4.48
N GLU D 43 5.22 22.50 5.11
CA GLU D 43 5.43 22.43 6.55
C GLU D 43 6.85 22.80 6.91
N LEU D 44 7.84 22.14 6.29
CA LEU D 44 9.23 22.47 6.56
C LEU D 44 9.52 23.94 6.24
N LEU D 45 9.02 24.41 5.10
CA LEU D 45 9.29 25.80 4.71
C LEU D 45 8.72 26.80 5.70
N THR D 46 7.68 26.42 6.44
CA THR D 46 7.05 27.30 7.42
C THR D 46 7.36 26.88 8.86
N ASP D 47 8.49 26.18 9.04
CA ASP D 47 8.93 25.72 10.36
C ASP D 47 10.34 26.25 10.59
N LYS D 48 10.46 27.22 11.51
CA LYS D 48 11.74 27.90 11.70
C LYS D 48 12.86 26.95 12.09
N SER D 49 12.54 25.78 12.65
CA SER D 49 13.57 24.82 13.05
C SER D 49 14.21 24.12 11.85
N CYS D 50 13.62 24.23 10.67
CA CYS D 50 14.11 23.53 9.49
C CYS D 50 14.85 24.45 8.52
N GLN D 51 15.07 25.71 8.89
CA GLN D 51 15.66 26.68 7.95
C GLN D 51 17.10 26.34 7.57
N SER D 52 17.79 25.53 8.38
CA SER D 52 19.18 25.19 8.08
C SER D 52 19.30 24.32 6.83
N PHE D 53 18.27 23.53 6.50
CA PHE D 53 18.33 22.65 5.35
C PHE D 53 17.28 22.95 4.28
N ILE D 54 16.26 23.75 4.58
CA ILE D 54 15.27 24.14 3.59
C ILE D 54 14.68 25.48 4.02
N SER D 55 14.62 26.42 3.08
CA SER D 55 14.16 27.77 3.40
C SER D 55 13.66 28.45 2.14
N TRP D 56 13.00 29.59 2.35
CA TRP D 56 12.62 30.45 1.24
C TRP D 56 13.82 31.28 0.80
N THR D 57 13.74 31.81 -0.42
CA THR D 57 14.78 32.68 -0.95
C THR D 57 14.45 34.16 -0.81
N GLY D 58 13.23 34.49 -0.41
CA GLY D 58 12.77 35.87 -0.39
C GLY D 58 12.07 36.32 -1.64
N ASP D 59 12.21 35.59 -2.75
CA ASP D 59 11.59 35.94 -4.02
C ASP D 59 10.29 35.15 -4.16
N GLY D 60 9.19 35.75 -3.69
CA GLY D 60 7.90 35.13 -3.84
C GLY D 60 7.86 33.73 -3.25
N TRP D 61 7.25 32.81 -3.99
CA TRP D 61 7.11 31.41 -3.58
C TRP D 61 8.32 30.57 -3.95
N GLU D 62 9.49 31.18 -4.09
CA GLU D 62 10.70 30.45 -4.44
C GLU D 62 11.39 29.95 -3.18
N PHE D 63 11.92 28.73 -3.24
CA PHE D 63 12.58 28.13 -2.09
C PHE D 63 13.73 27.25 -2.56
N LYS D 64 14.68 27.01 -1.65
CA LYS D 64 15.87 26.23 -1.93
C LYS D 64 16.07 25.17 -0.86
N LEU D 65 16.65 24.04 -1.27
CA LEU D 65 16.98 22.95 -0.36
C LEU D 65 18.46 23.09 -0.02
N SER D 66 18.75 23.68 1.14
CA SER D 66 20.13 23.83 1.57
C SER D 66 20.80 22.49 1.80
N ASP D 67 20.05 21.52 2.34
CA ASP D 67 20.55 20.16 2.53
C ASP D 67 19.55 19.21 1.91
N PRO D 68 19.69 18.92 0.61
CA PRO D 68 18.69 18.07 -0.06
C PRO D 68 18.58 16.69 0.55
N ASP D 69 19.66 16.16 1.13
CA ASP D 69 19.60 14.84 1.73
C ASP D 69 18.72 14.82 2.96
N GLU D 70 18.82 15.85 3.81
CA GLU D 70 18.01 15.90 5.02
C GLU D 70 16.53 15.97 4.68
N VAL D 71 16.17 16.77 3.67
CA VAL D 71 14.76 16.87 3.27
C VAL D 71 14.22 15.51 2.88
N ALA D 72 14.98 14.77 2.06
CA ALA D 72 14.54 13.44 1.64
C ALA D 72 14.52 12.47 2.80
N ARG D 73 15.43 12.63 3.77
CA ARG D 73 15.45 11.74 4.93
C ARG D 73 14.17 11.88 5.74
N ARG D 74 13.72 13.11 5.97
CA ARG D 74 12.53 13.34 6.76
C ARG D 74 11.27 12.89 6.02
N TRP D 75 11.24 13.06 4.69
CA TRP D 75 10.15 12.50 3.90
C TRP D 75 10.10 10.99 4.03
N GLY D 76 11.26 10.35 4.13
CA GLY D 76 11.29 8.91 4.31
C GLY D 76 10.75 8.50 5.66
N LYS D 77 11.18 9.17 6.72
CA LYS D 77 10.68 8.87 8.05
C LYS D 77 9.18 9.14 8.17
N ARG D 78 8.64 10.07 7.37
CA ARG D 78 7.23 10.42 7.45
C ARG D 78 6.34 9.43 6.73
N LYS D 79 6.88 8.67 5.77
CA LYS D 79 6.09 7.69 5.01
C LYS D 79 6.66 6.29 5.16
N ASN D 80 7.48 6.06 6.19
CA ASN D 80 8.04 4.73 6.46
C ASN D 80 8.77 4.19 5.24
N LYS D 81 9.68 5.02 4.71
CA LYS D 81 10.51 4.66 3.56
C LYS D 81 11.95 4.95 3.94
N PRO D 82 12.58 4.07 4.72
CA PRO D 82 13.94 4.36 5.22
C PRO D 82 14.98 4.46 4.12
N LYS D 83 14.74 3.86 2.96
CA LYS D 83 15.68 3.96 1.84
C LYS D 83 15.45 5.19 0.99
N MET D 84 14.61 6.12 1.42
CA MET D 84 14.37 7.34 0.66
C MET D 84 15.66 8.13 0.53
N ASN D 85 15.95 8.57 -0.69
CA ASN D 85 17.12 9.40 -0.99
C ASN D 85 16.68 10.53 -1.90
N TYR D 86 17.56 11.53 -2.06
CA TYR D 86 17.18 12.70 -2.85
C TYR D 86 16.84 12.34 -4.29
N GLU D 87 17.53 11.35 -4.87
CA GLU D 87 17.20 10.93 -6.23
C GLU D 87 15.75 10.53 -6.33
N LYS D 88 15.26 9.74 -5.38
CA LYS D 88 13.85 9.39 -5.33
C LYS D 88 13.00 10.64 -5.15
N LEU D 89 13.36 11.49 -4.18
CA LEU D 89 12.61 12.72 -3.95
C LEU D 89 12.56 13.57 -5.22
N SER D 90 13.66 13.60 -5.98
CA SER D 90 13.72 14.42 -7.19
C SER D 90 12.65 13.99 -8.20
N ARG D 91 12.53 12.69 -8.44
CA ARG D 91 11.48 12.19 -9.33
C ARG D 91 10.10 12.63 -8.83
N GLY D 92 9.92 12.66 -7.51
CA GLY D 92 8.65 13.13 -6.97
C GLY D 92 8.39 14.59 -7.30
N LEU D 93 9.43 15.42 -7.20
CA LEU D 93 9.26 16.82 -7.58
C LEU D 93 8.97 16.97 -9.06
N ARG D 94 9.55 16.10 -9.90
CA ARG D 94 9.25 16.15 -11.33
C ARG D 94 7.78 15.92 -11.61
N TYR D 95 7.09 15.22 -10.71
CA TYR D 95 5.65 15.04 -10.87
C TYR D 95 4.91 16.37 -10.76
N TYR D 96 5.31 17.20 -9.79
CA TYR D 96 4.67 18.51 -9.65
C TYR D 96 5.05 19.43 -10.79
N TYR D 97 6.23 19.25 -11.38
CA TYR D 97 6.57 19.95 -12.62
C TYR D 97 5.59 19.58 -13.72
N ASP D 98 5.41 18.28 -13.96
CA ASP D 98 4.44 17.83 -14.95
C ASP D 98 3.06 18.42 -14.69
N LYS D 99 2.69 18.56 -13.43
CA LYS D 99 1.35 19.03 -13.05
C LYS D 99 1.30 20.54 -12.86
N ASN D 100 2.39 21.25 -13.16
CA ASN D 100 2.42 22.71 -13.06
C ASN D 100 2.05 23.19 -11.67
N ILE D 101 2.64 22.54 -10.66
CA ILE D 101 2.50 22.98 -9.29
C ILE D 101 3.82 23.50 -8.71
N ILE D 102 4.95 22.94 -9.12
CA ILE D 102 6.27 23.43 -8.71
C ILE D 102 7.18 23.37 -9.93
N HIS D 103 7.89 24.46 -10.19
CA HIS D 103 8.84 24.55 -11.29
C HIS D 103 10.26 24.68 -10.76
N LYS D 104 11.22 24.41 -11.64
CA LYS D 104 12.63 24.54 -11.30
C LYS D 104 13.14 25.91 -11.70
N THR D 105 13.95 26.51 -10.84
CA THR D 105 14.60 27.78 -11.13
C THR D 105 15.79 27.51 -12.05
N ALA D 106 15.77 28.11 -13.23
CA ALA D 106 16.79 27.83 -14.23
C ALA D 106 18.18 28.14 -13.70
N GLY D 107 19.15 27.33 -14.12
CA GLY D 107 20.54 27.57 -13.80
C GLY D 107 20.95 27.35 -12.38
N LYS D 108 20.01 27.03 -11.48
CA LYS D 108 20.32 26.83 -10.06
C LYS D 108 19.98 25.41 -9.64
N ARG D 109 20.80 24.89 -8.73
CA ARG D 109 20.62 23.55 -8.18
C ARG D 109 19.80 23.61 -6.91
N TYR D 110 18.75 22.78 -6.84
CA TYR D 110 17.97 22.62 -5.61
C TYR D 110 17.12 23.86 -5.32
N VAL D 111 16.60 24.48 -6.37
CA VAL D 111 15.82 25.71 -6.23
C VAL D 111 14.56 25.57 -7.06
N TYR D 112 13.41 25.72 -6.42
CA TYR D 112 12.12 25.52 -7.05
C TYR D 112 11.20 26.66 -6.67
N ARG D 113 10.01 26.67 -7.26
CA ARG D 113 9.04 27.72 -7.02
C ARG D 113 7.64 27.15 -7.18
N PHE D 114 6.79 27.36 -6.18
CA PHE D 114 5.38 27.06 -6.31
C PHE D 114 4.77 28.00 -7.34
N VAL D 115 4.26 27.45 -8.43
CA VAL D 115 3.65 28.25 -9.48
C VAL D 115 2.12 28.20 -9.47
N CYS D 116 1.53 27.33 -8.67
CA CYS D 116 0.09 27.37 -8.46
C CYS D 116 -0.28 28.60 -7.64
N ASP D 117 -1.59 28.90 -7.61
CA ASP D 117 -2.09 30.06 -6.86
C ASP D 117 -2.06 29.72 -5.37
N LEU D 118 -0.85 29.77 -4.81
CA LEU D 118 -0.67 29.38 -3.42
C LEU D 118 -1.23 30.44 -2.46
N GLN D 119 -1.16 31.72 -2.85
CA GLN D 119 -1.67 32.78 -2.00
C GLN D 119 -3.17 32.61 -1.76
N SER D 120 -3.92 32.29 -2.81
CA SER D 120 -5.37 32.10 -2.65
C SER D 120 -5.67 30.91 -1.75
N LEU D 121 -4.96 29.80 -1.95
CA LEU D 121 -5.22 28.59 -1.17
C LEU D 121 -4.86 28.79 0.31
N LEU D 122 -3.74 29.45 0.57
CA LEU D 122 -3.22 29.57 1.93
C LEU D 122 -3.73 30.80 2.67
N GLY D 123 -4.19 31.82 1.95
CA GLY D 123 -4.58 33.05 2.61
C GLY D 123 -3.43 33.88 3.12
N TYR D 124 -2.19 33.50 2.79
CA TYR D 124 -1.01 34.28 3.11
C TYR D 124 -0.33 34.71 1.82
N THR D 125 0.39 35.82 1.88
CA THR D 125 1.25 36.24 0.78
C THR D 125 2.68 35.80 1.06
N PRO D 126 3.51 35.69 0.01
CA PRO D 126 4.90 35.27 0.24
C PRO D 126 5.59 36.12 1.29
N GLU D 127 5.60 37.45 1.09
CA GLU D 127 6.28 38.33 2.04
C GLU D 127 5.68 38.22 3.43
N GLU D 128 4.38 37.99 3.51
CA GLU D 128 3.72 37.86 4.82
C GLU D 128 4.27 36.65 5.58
N LEU D 129 4.37 35.51 4.91
CA LEU D 129 4.98 34.34 5.54
C LEU D 129 6.45 34.58 5.82
N HIS D 130 7.16 35.24 4.90
CA HIS D 130 8.58 35.47 5.08
C HIS D 130 8.86 36.27 6.35
N ALA D 131 8.02 37.28 6.63
CA ALA D 131 8.21 38.07 7.84
C ALA D 131 7.99 37.23 9.09
N MET D 132 6.98 36.35 9.09
CA MET D 132 6.72 35.50 10.25
C MET D 132 7.88 34.58 10.57
N LEU D 133 8.77 34.32 9.60
CA LEU D 133 9.84 33.36 9.77
C LEU D 133 11.22 33.99 9.75
N ASP D 134 11.31 35.33 9.68
CA ASP D 134 12.60 36.03 9.66
C ASP D 134 13.47 35.55 8.50
N VAL D 135 12.90 35.58 7.30
CA VAL D 135 13.61 35.17 6.10
C VAL D 135 14.57 36.29 5.68
N LYS D 136 15.78 35.91 5.29
CA LYS D 136 16.82 36.88 4.94
C LYS D 136 17.07 36.91 3.43
N PRO E 1 21.14 -9.21 -9.61
CA PRO E 1 20.78 -7.87 -9.15
C PRO E 1 19.55 -7.87 -8.25
N SEP E 2 19.34 -6.77 -7.53
CA SEP E 2 18.19 -6.63 -6.60
CB SEP E 2 18.62 -6.02 -5.22
OG SEP E 2 18.68 -4.65 -5.32
C SEP E 2 17.07 -5.76 -7.19
O SEP E 2 17.33 -4.90 -8.08
P SEP E 2 20.25 -3.86 -4.88
O1P SEP E 2 19.94 -3.29 -3.51
O2P SEP E 2 21.27 -4.99 -4.88
O3P SEP E 2 20.41 -2.86 -6.00
H SEP E 2 19.81 -6.05 -7.51
HA SEP E 2 17.85 -7.53 -6.46
HB2 SEP E 2 19.47 -6.39 -4.95
HB3 SEP E 2 17.99 -6.30 -4.53
N PF5 E 3 15.84 -5.98 -6.73
CA PF5 E 3 14.70 -5.24 -7.19
CB PF5 E 3 13.79 -6.18 -8.01
CG PF5 E 3 14.50 -6.87 -9.11
CD1 PF5 E 3 15.13 -8.10 -8.92
FD1 PF5 E 3 15.10 -8.69 -7.71
CD2 PF5 E 3 14.58 -6.33 -10.38
FD2 PF5 E 3 14.00 -5.14 -10.66
CE1 PF5 E 3 15.80 -8.74 -9.95
FE1 PF5 E 3 16.41 -9.94 -9.72
CE2 PF5 E 3 15.24 -6.96 -11.41
FE2 PF5 E 3 15.29 -6.40 -12.64
CZ PF5 E 3 15.85 -8.18 -11.19
FZ PF5 E 3 16.50 -8.79 -12.21
C PF5 E 3 13.83 -4.57 -6.08
O PF5 E 3 12.67 -4.99 -5.87
HA PF5 E 3 15.03 -4.52 -7.76
HB2 PF5 E 3 13.04 -5.70 -8.40
HB3 PF5 E 3 13.38 -6.85 -7.44
N ASP E 4 14.39 -3.57 -5.39
CA ASP E 4 13.68 -2.86 -4.34
C ASP E 4 12.29 -2.44 -4.81
N SEP E 5 11.38 -2.28 -3.86
CA SEP E 5 10.02 -1.80 -4.10
CB SEP E 5 9.37 -1.37 -2.77
OG SEP E 5 10.27 -0.60 -2.08
C SEP E 5 9.98 -0.61 -5.08
O SEP E 5 10.88 0.27 -5.06
P SEP E 5 9.78 0.01 -0.49
O1P SEP E 5 8.91 -1.11 0.03
O2P SEP E 5 11.09 0.22 0.23
O3P SEP E 5 9.05 1.29 -0.88
H SEP E 5 11.48 -2.44 -3.02
HA SEP E 5 9.52 -2.55 -4.48
HB2 SEP E 5 9.11 -2.16 -2.26
HB3 SEP E 5 8.54 -0.90 -2.94
N PF5 E 6 8.94 -0.58 -5.91
CA PF5 E 6 8.63 0.57 -6.69
CB PF5 E 6 8.55 0.15 -8.17
CG PF5 E 6 9.83 -0.47 -8.62
CD1 PF5 E 6 10.03 -1.85 -8.58
FD1 PF5 E 6 9.05 -2.66 -8.15
CD2 PF5 E 6 10.89 0.30 -9.07
FD2 PF5 E 6 10.79 1.65 -9.14
CE1 PF5 E 6 11.23 -2.43 -8.99
FE1 PF5 E 6 11.38 -3.77 -8.93
CE2 PF5 E 6 12.08 -0.27 -9.48
FE2 PF5 E 6 13.09 0.53 -9.92
CZ PF5 E 6 12.25 -1.63 -9.43
FZ PF5 E 6 13.42 -2.19 -9.83
C PF5 E 6 7.31 1.24 -6.23
O PF5 E 6 6.25 1.03 -6.86
HA PF5 E 6 9.34 1.22 -6.55
HB2 PF5 E 6 8.38 0.92 -8.75
HB3 PF5 E 6 7.82 -0.46 -8.33
N ASP E 7 7.38 2.00 -5.15
CA ASP E 7 6.20 2.53 -4.49
C ASP E 7 6.40 4.00 -4.14
N PF5 E 8 5.72 4.88 -4.88
CA PF5 E 8 5.78 6.29 -4.64
CB PF5 E 8 6.81 6.93 -5.59
CG PF5 E 8 8.14 6.28 -5.51
CD1 PF5 E 8 8.51 5.29 -6.38
FD1 PF5 E 8 7.67 4.87 -7.35
CD2 PF5 E 8 9.05 6.66 -4.54
FD2 PF5 E 8 8.76 7.62 -3.64
CE1 PF5 E 8 9.76 4.68 -6.31
FE1 PF5 E 8 10.09 3.70 -7.18
CE2 PF5 E 8 10.29 6.06 -4.46
FE2 PF5 E 8 11.16 6.45 -3.49
CZ PF5 E 8 10.64 5.07 -5.34
FZ PF5 E 8 11.86 4.47 -5.25
C PF5 E 8 4.43 7.06 -4.79
O PF5 E 8 3.52 6.55 -5.46
HA PF5 E 8 6.07 6.41 -3.71
HB2 PF5 E 8 6.92 7.88 -5.41
HB3 PF5 E 8 6.50 6.89 -6.51
N GLU E 9 4.34 8.25 -4.19
CA GLU E 9 3.13 9.07 -4.26
C GLU E 9 2.63 9.22 -5.70
N ASP E 10 3.55 9.34 -6.65
CA ASP E 10 3.22 9.56 -8.05
C ASP E 10 3.09 8.24 -8.82
N PF5 E 11 3.51 7.16 -8.17
CA PF5 E 11 3.42 5.84 -8.75
CB PF5 E 11 4.69 5.57 -9.58
CG PF5 E 11 4.57 4.41 -10.51
CD1 PF5 E 11 3.63 4.38 -11.52
FD1 PF5 E 11 2.77 5.40 -11.68
CD2 PF5 E 11 5.42 3.30 -10.42
FD2 PF5 E 11 6.38 3.24 -9.47
CE1 PF5 E 11 3.51 3.30 -12.39
FE1 PF5 E 11 2.56 3.33 -13.36
CE2 PF5 E 11 5.31 2.22 -11.28
FE2 PF5 E 11 6.15 1.16 -11.16
CZ PF5 E 11 4.35 2.23 -12.26
FZ PF5 E 11 4.26 1.17 -13.10
C PF5 E 11 3.22 4.70 -7.67
O PF5 E 11 4.13 3.86 -7.51
HA PF5 E 11 2.63 5.82 -9.32
HB2 PF5 E 11 5.46 5.41 -9.01
HB3 PF5 E 11 4.95 6.36 -10.09
N PRO E 12 2.07 4.70 -6.99
CA PRO E 12 1.81 3.82 -5.86
C PRO E 12 1.72 2.35 -6.25
N ALA E 13 2.36 1.49 -5.46
CA ALA E 13 2.33 0.06 -5.71
C ALA E 13 1.01 -0.53 -5.24
N ALA E 14 0.50 -1.49 -6.01
CA ALA E 14 -0.70 -2.23 -5.63
C ALA E 14 -0.32 -3.46 -4.83
N LEU E 15 -1.24 -3.90 -3.96
CA LEU E 15 -1.00 -5.04 -3.09
C LEU E 15 -2.23 -5.94 -3.03
N TRP E 16 -3.37 -5.38 -2.64
CA TRP E 16 -4.60 -6.15 -2.50
C TRP E 16 -5.55 -5.95 -3.69
N NH2 E 17 -6.34 -6.97 -4.01
HN1 NH2 E 17 -6.26 -7.70 -3.50
HN2 NH2 E 17 -6.89 -6.85 -4.70
N PRO F 1 5.80 -1.73 24.24
CA PRO F 1 5.24 -2.68 23.28
C PRO F 1 5.43 -2.24 21.83
N SEP F 2 5.36 -3.17 20.89
CA SEP F 2 5.56 -2.88 19.45
CB SEP F 2 6.41 -3.98 18.75
OG SEP F 2 5.60 -5.00 18.32
C SEP F 2 4.22 -2.75 18.70
O SEP F 2 3.17 -3.28 19.16
P SEP F 2 6.02 -6.69 18.86
O1P SEP F 2 4.65 -7.25 19.19
O2P SEP F 2 6.92 -6.49 20.07
O3P SEP F 2 6.70 -7.24 17.64
H SEP F 2 5.20 -4.01 21.00
HA SEP F 2 6.03 -2.04 19.41
HB2 SEP F 2 7.09 -4.32 19.36
HB3 SEP F 2 6.91 -3.60 18.02
N PF5 F 3 4.25 -2.05 17.57
CA PF5 F 3 3.07 -1.83 16.77
CB PF5 F 3 2.68 -0.35 16.85
CG PF5 F 3 2.43 0.10 18.24
CD1 PF5 F 3 3.41 0.73 19.00
FD1 PF5 F 3 4.63 0.94 18.48
CD2 PF5 F 3 1.20 -0.09 18.84
FD2 PF5 F 3 0.18 -0.69 18.18
CE1 PF5 F 3 3.17 1.15 20.30
FE1 PF5 F 3 4.13 1.77 21.01
CE2 PF5 F 3 0.94 0.33 20.14
FE2 PF5 F 3 -0.28 0.13 20.68
CZ PF5 F 3 1.93 0.94 20.86
FZ PF5 F 3 1.67 1.35 22.13
C PF5 F 3 3.18 -2.23 15.28
O PF5 F 3 3.12 -1.33 14.41
HA PF5 F 3 2.37 -2.39 17.15
HB2 PF5 F 3 1.89 -0.16 16.33
HB3 PF5 F 3 3.37 0.21 16.46
N ASP F 4 3.36 -3.51 14.99
CA ASP F 4 3.47 -3.99 13.61
C ASP F 4 2.38 -3.37 12.74
N SEP F 5 2.65 -3.32 11.45
CA SEP F 5 1.70 -2.88 10.44
CB SEP F 5 2.21 -3.24 9.03
OG SEP F 5 2.78 -4.48 9.07
C SEP F 5 0.30 -3.52 10.65
O SEP F 5 0.20 -4.71 11.07
P SEP F 5 3.21 -5.23 7.51
O1P SEP F 5 1.87 -5.74 7.03
O2P SEP F 5 4.20 -6.31 7.90
O3P SEP F 5 3.80 -4.05 6.75
H SEP F 5 3.39 -3.53 11.06
HA SEP F 5 1.61 -1.91 10.53
HB2 SEP F 5 2.85 -2.57 8.72
HB3 SEP F 5 1.48 -3.19 8.39
N PF5 F 6 -0.74 -2.75 10.37
CA PF5 F 6 -2.08 -3.27 10.29
CB PF5 F 6 -3.00 -2.46 11.22
CG PF5 F 6 -2.49 -2.49 12.61
CD1 PF5 F 6 -1.65 -1.52 13.11
FD1 PF5 F 6 -1.29 -0.49 12.33
CD2 PF5 F 6 -2.82 -3.53 13.47
FD2 PF5 F 6 -3.63 -4.53 13.06
CE1 PF5 F 6 -1.16 -1.56 14.41
FE1 PF5 F 6 -0.35 -0.58 14.87
CE2 PF5 F 6 -2.34 -3.59 14.77
FE2 PF5 F 6 -2.70 -4.62 15.57
CZ PF5 F 6 -1.52 -2.60 15.24
FZ PF5 F 6 -1.05 -2.65 16.51
C PF5 F 6 -2.63 -3.22 8.84
O PF5 F 6 -3.49 -2.38 8.51
HA PF5 F 6 -2.05 -4.19 10.55
HB2 PF5 F 6 -3.90 -2.80 11.22
HB3 PF5 F 6 -3.08 -1.53 10.94
N ASP F 7 -2.12 -4.12 8.00
CA ASP F 7 -2.37 -4.08 6.57
C ASP F 7 -2.87 -5.43 6.08
N PF5 F 8 -4.13 -5.47 5.67
CA PF5 F 8 -4.70 -6.69 5.15
CB PF5 F 8 -5.41 -7.45 6.28
CG PF5 F 8 -4.53 -7.70 7.42
CD1 PF5 F 8 -4.56 -6.89 8.55
FD1 PF5 F 8 -5.40 -5.84 8.62
CD2 PF5 F 8 -3.64 -8.75 7.43
FD2 PF5 F 8 -3.54 -9.59 6.37
CE1 PF5 F 8 -3.73 -7.13 9.64
FE1 PF5 F 8 -3.79 -6.32 10.72
CE2 PF5 F 8 -2.81 -9.01 8.51
FE2 PF5 F 8 -1.95 -10.05 8.46
CZ PF5 F 8 -2.87 -8.18 9.61
FZ PF5 F 8 -2.06 -8.41 10.68
C PF5 F 8 -5.73 -6.52 3.99
O PF5 F 8 -6.27 -5.40 3.82
HA PF5 F 8 -3.98 -7.22 4.79
HB2 PF5 F 8 -5.76 -8.30 5.97
HB3 PF5 F 8 -6.20 -6.97 6.58
N GLU F 9 -5.99 -7.59 3.25
CA GLU F 9 -6.95 -7.57 2.17
C GLU F 9 -8.31 -7.01 2.62
N ASP F 10 -8.74 -7.38 3.82
CA ASP F 10 -10.04 -6.96 4.34
C ASP F 10 -9.94 -5.66 5.15
N PF5 F 11 -8.71 -5.21 5.35
CA PF5 F 11 -8.45 -3.95 6.02
CB PF5 F 11 -8.46 -4.20 7.55
CG PF5 F 11 -8.54 -2.94 8.35
CD1 PF5 F 11 -9.62 -2.08 8.23
FD1 PF5 F 11 -10.63 -2.37 7.39
CD2 PF5 F 11 -7.54 -2.57 9.24
FD2 PF5 F 11 -6.46 -3.35 9.43
CE1 PF5 F 11 -9.70 -0.90 8.95
FE1 PF5 F 11 -10.77 -0.09 8.80
CE2 PF5 F 11 -7.61 -1.40 9.98
FE2 PF5 F 11 -6.62 -1.08 10.82
CZ PF5 F 11 -8.69 -0.57 9.83
FZ PF5 F 11 -8.75 0.58 10.55
C PF5 F 11 -7.09 -3.27 5.59
O PF5 F 11 -6.14 -3.23 6.41
HA PF5 F 11 -9.16 -3.34 5.77
HB2 PF5 F 11 -7.68 -4.68 7.84
HB3 PF5 F 11 -9.21 -4.78 7.81
N PRO F 12 -7.02 -2.79 4.35
CA PRO F 12 -5.77 -2.27 3.77
C PRO F 12 -5.32 -0.97 4.41
N ALA F 13 -4.03 -0.88 4.70
CA ALA F 13 -3.45 0.35 5.23
C ALA F 13 -3.27 1.36 4.10
N ALA F 14 -3.47 2.62 4.43
CA ALA F 14 -3.21 3.71 3.51
C ALA F 14 -1.77 4.19 3.65
N LEU F 15 -1.29 4.89 2.62
CA LEU F 15 0.08 5.39 2.60
C LEU F 15 0.13 6.76 1.94
N TRP F 16 -0.26 6.83 0.67
CA TRP F 16 -0.19 8.08 -0.08
C TRP F 16 -1.55 8.78 -0.11
N NH2 F 17 -1.53 10.11 -0.20
HN1 NH2 F 17 -0.73 10.49 -0.23
HN2 NH2 F 17 -2.32 10.52 -0.22
S SO4 G . -13.83 17.43 11.13
O1 SO4 G . -14.23 16.12 10.60
O2 SO4 G . -14.68 17.80 12.26
O3 SO4 G . -13.97 18.44 10.08
O4 SO4 G . -12.44 17.37 11.58
S SO4 H . 1.38 -11.33 24.05
O1 SO4 H . 0.62 -12.51 23.63
O2 SO4 H . 1.18 -11.11 25.49
O3 SO4 H . 2.80 -11.54 23.79
O4 SO4 H . 0.90 -10.16 23.32
S SO4 I . -1.65 -1.13 31.01
O1 SO4 I . -1.97 -2.45 30.47
O2 SO4 I . -2.47 -0.89 32.21
O3 SO4 I . -0.24 -1.08 31.36
O4 SO4 I . -1.95 -0.10 30.01
S SO4 J . -0.61 -10.00 -7.62
O1 SO4 J . -1.70 -10.73 -8.26
O2 SO4 J . -0.59 -10.30 -6.19
O3 SO4 J . 0.68 -10.43 -8.23
O4 SO4 J . -0.77 -8.55 -7.83
S SO4 K . 6.50 -23.11 -2.76
O1 SO4 K . 6.15 -24.53 -2.81
O2 SO4 K . 6.02 -22.53 -1.50
O3 SO4 K . 7.95 -22.95 -2.84
O4 SO4 K . 5.86 -22.41 -3.88
S SO4 L . -6.23 -9.80 -22.39
O1 SO4 L . -5.26 -10.66 -21.70
O2 SO4 L . -7.56 -9.99 -21.80
O3 SO4 L . -6.27 -10.16 -23.81
O4 SO4 L . -5.85 -8.39 -22.25
S SO4 M . 24.97 0.97 -9.91
O1 SO4 M . 24.63 -0.42 -10.20
O2 SO4 M . 24.74 1.23 -8.49
O3 SO4 M . 26.38 1.20 -10.23
O4 SO4 M . 24.13 1.86 -10.71
S SO4 N . 13.28 15.24 13.45
O1 SO4 N . 13.47 14.28 14.54
O2 SO4 N . 11.84 15.46 13.24
O3 SO4 N . 13.88 14.70 12.24
O4 SO4 N . 13.92 16.51 13.81
S SO4 O . -0.49 10.39 7.07
O1 SO4 O . -1.52 9.39 6.72
O2 SO4 O . -0.16 10.26 8.49
O3 SO4 O . 0.72 10.17 6.25
O4 SO4 O . -0.99 11.75 6.82
#